data_1O23
#
_entry.id   1O23
#
_cell.length_a   55.545
_cell.length_b   99.379
_cell.length_c   102.568
_cell.angle_alpha   90.00
_cell.angle_beta   104.09
_cell.angle_gamma   90.00
#
_symmetry.space_group_name_H-M   'P 1 21 1'
#
loop_
_entity.id
_entity.type
_entity.pdbx_description
1 polymer ALPHA-LACTALBUMIN
2 polymer BETA-1,4-GALACTOSYLTRANSFERASE
3 non-polymer 'CALCIUM ION'
4 non-polymer 'TETRAETHYLENE GLYCOL'
5 non-polymer '2-(N-MORPHOLINO)-ETHANESULFONIC ACID'
6 non-polymer 'MANGANESE (II) ION'
7 non-polymer "URIDINE-5'-DIPHOSPHATE-GLUCOSE"
8 non-polymer "URIDINE-5'-DIPHOSPHATE"
9 water water
#
loop_
_entity_poly.entity_id
_entity_poly.type
_entity_poly.pdbx_seq_one_letter_code
_entity_poly.pdbx_strand_id
1 'polypeptide(L)'
;TELTKCKVSHAIKDIDGYQGISLLEWACVLFHTSGYDTQAVVNDNGSTEYGLFQISDRFWCKSSEFPESENICGISCDKL
LDDELDDDIACAKKILAIKGIDYWKAYKPMCSEKLEQWRCEKP
;
A,C
2 'polypeptide(L)'
;ASMTGGQQMGRGSSLTACPEESPLLVGPMLIEFNIPVDLKLVEQQNPKVKLGGRYTPMDCISPHKVAIIIPFRNRQEHLK
YWLYYLHPILQRQQLDYGIYVINQAGESMFNRAKLLNVGFKEALKDYDYNCFVFSDVDLIPMNDHNTYRCFSQPRHISVA
MDKFGFSLPYVQYFGGVSALSKQQFLSINGFPNNYWGWGGEDDDIYNRLAFRGMSVSRPNAVIGKCRMIRHSRDKKNEPN
PQRFDRIAHTKETMLSDGLNSLTYMVLEVQRYPLYTKITVDIGTPS
;
B,D
#
loop_
_chem_comp.id
_chem_comp.type
_chem_comp.name
_chem_comp.formula
CA non-polymer 'CALCIUM ION' 'Ca 2'
MES non-polymer '2-(N-MORPHOLINO)-ETHANESULFONIC ACID' 'C6 H13 N O4 S'
MN non-polymer 'MANGANESE (II) ION' 'Mn 2'
PG4 non-polymer 'TETRAETHYLENE GLYCOL' 'C8 H18 O5'
UDP RNA linking URIDINE-5'-DIPHOSPHATE 'C9 H14 N2 O12 P2'
UPG non-polymer URIDINE-5'-DIPHOSPHATE-GLUCOSE 'C15 H24 N2 O17 P2'
#
# COMPACT_ATOMS: atom_id res chain seq x y z
N THR A 1 -20.38 -35.21 0.90
CA THR A 1 -21.38 -35.12 2.00
C THR A 1 -20.70 -35.18 3.38
N GLU A 2 -20.67 -34.04 4.06
CA GLU A 2 -20.03 -33.95 5.37
C GLU A 2 -20.80 -34.73 6.42
N LEU A 3 -20.25 -35.85 6.85
CA LEU A 3 -20.94 -36.65 7.86
C LEU A 3 -20.52 -36.19 9.25
N THR A 4 -20.96 -36.90 10.27
CA THR A 4 -20.63 -36.57 11.64
C THR A 4 -20.14 -37.80 12.38
N LYS A 5 -19.40 -37.57 13.46
CA LYS A 5 -18.87 -38.65 14.24
C LYS A 5 -19.84 -39.80 14.38
N CYS A 6 -21.03 -39.49 14.88
CA CYS A 6 -22.03 -40.52 15.10
C CYS A 6 -22.52 -41.17 13.81
N LYS A 7 -22.74 -40.36 12.77
CA LYS A 7 -23.19 -40.91 11.49
C LYS A 7 -22.14 -41.89 11.03
N VAL A 8 -20.88 -41.44 11.06
CA VAL A 8 -19.79 -42.28 10.65
C VAL A 8 -19.77 -43.54 11.47
N SER A 9 -19.90 -43.36 12.78
CA SER A 9 -19.88 -44.50 13.69
C SER A 9 -20.97 -45.50 13.44
N HIS A 10 -22.13 -45.05 13.01
CA HIS A 10 -23.19 -46.02 12.77
C HIS A 10 -23.08 -46.66 11.39
N ALA A 11 -22.62 -45.91 10.40
CA ALA A 11 -22.48 -46.45 9.05
C ALA A 11 -21.28 -47.38 8.96
N ILE A 12 -20.38 -47.25 9.91
CA ILE A 12 -19.15 -48.01 9.90
C ILE A 12 -19.07 -49.25 10.78
N LYS A 13 -20.15 -49.56 11.49
CA LYS A 13 -20.19 -50.72 12.38
C LYS A 13 -19.53 -52.01 11.94
N ASP A 14 -19.77 -52.44 10.70
CA ASP A 14 -19.21 -53.72 10.23
C ASP A 14 -17.70 -53.85 10.23
N ILE A 15 -16.99 -52.75 10.37
CA ILE A 15 -15.54 -52.78 10.34
C ILE A 15 -14.92 -52.81 11.74
N ASP A 16 -15.74 -52.57 12.75
CA ASP A 16 -15.30 -52.52 14.15
C ASP A 16 -14.56 -53.75 14.57
N GLY A 17 -13.33 -53.58 15.04
CA GLY A 17 -12.57 -54.73 15.51
C GLY A 17 -11.68 -55.38 14.46
N TYR A 18 -12.14 -55.34 13.21
CA TYR A 18 -11.36 -55.93 12.16
C TYR A 18 -9.90 -55.52 12.33
N GLN A 19 -9.01 -56.49 12.22
CA GLN A 19 -7.58 -56.23 12.35
C GLN A 19 -7.28 -55.46 13.63
N GLY A 20 -8.15 -55.62 14.63
CA GLY A 20 -7.96 -55.00 15.94
C GLY A 20 -8.21 -53.52 16.17
N ILE A 21 -8.74 -52.83 15.16
CA ILE A 21 -9.01 -51.39 15.28
C ILE A 21 -10.45 -51.15 15.74
N SER A 22 -10.63 -50.38 16.81
CA SER A 22 -11.98 -50.11 17.33
C SER A 22 -12.65 -48.96 16.60
N LEU A 23 -13.91 -48.73 16.94
CA LEU A 23 -14.70 -47.64 16.37
C LEU A 23 -14.19 -46.30 16.90
N LEU A 24 -13.53 -46.32 18.06
CA LEU A 24 -13.02 -45.08 18.59
C LEU A 24 -11.89 -44.63 17.70
N GLU A 25 -10.99 -45.56 17.39
CA GLU A 25 -9.85 -45.27 16.55
C GLU A 25 -10.26 -44.87 15.14
N TRP A 26 -11.24 -45.56 14.55
CA TRP A 26 -11.67 -45.19 13.19
C TRP A 26 -12.27 -43.78 13.16
N ALA A 27 -13.05 -43.44 14.19
CA ALA A 27 -13.65 -42.12 14.23
C ALA A 27 -12.51 -41.10 14.24
N CYS A 28 -11.50 -41.36 15.06
CA CYS A 28 -10.35 -40.48 15.14
C CYS A 28 -9.59 -40.41 13.79
N VAL A 29 -9.26 -41.57 13.24
CA VAL A 29 -8.56 -41.61 11.97
C VAL A 29 -9.35 -40.96 10.85
N LEU A 30 -10.64 -41.26 10.77
CA LEU A 30 -11.46 -40.68 9.71
C LEU A 30 -11.61 -39.17 9.80
N PHE A 31 -11.66 -38.61 11.01
CA PHE A 31 -11.78 -37.16 11.16
C PHE A 31 -10.56 -36.50 10.58
N HIS A 32 -9.39 -37.02 10.93
CA HIS A 32 -8.16 -36.44 10.42
C HIS A 32 -7.89 -36.79 8.99
N THR A 33 -8.48 -37.88 8.51
CA THR A 33 -8.25 -38.30 7.13
C THR A 33 -9.08 -37.55 6.08
N SER A 34 -10.38 -37.40 6.32
CA SER A 34 -11.25 -36.68 5.37
C SER A 34 -12.26 -35.74 6.03
N GLY A 35 -12.05 -35.41 7.30
CA GLY A 35 -13.00 -34.54 7.97
C GLY A 35 -14.39 -35.11 7.82
N TYR A 36 -14.47 -36.43 7.73
CA TYR A 36 -15.75 -37.14 7.59
C TYR A 36 -16.47 -36.85 6.27
N ASP A 37 -15.78 -36.29 5.28
CA ASP A 37 -16.50 -36.00 4.07
C ASP A 37 -16.36 -37.12 3.04
N THR A 38 -17.49 -37.75 2.73
CA THR A 38 -17.56 -38.86 1.77
C THR A 38 -17.15 -38.49 0.35
N GLN A 39 -17.07 -37.20 0.05
CA GLN A 39 -16.72 -36.76 -1.30
C GLN A 39 -15.34 -36.14 -1.33
N ALA A 40 -14.61 -36.28 -0.23
CA ALA A 40 -13.26 -35.76 -0.12
C ALA A 40 -12.37 -36.32 -1.22
N VAL A 41 -11.62 -35.45 -1.88
CA VAL A 41 -10.72 -35.89 -2.92
C VAL A 41 -9.44 -35.12 -2.70
N VAL A 42 -8.30 -35.81 -2.68
CA VAL A 42 -7.05 -35.13 -2.44
C VAL A 42 -5.91 -35.69 -3.27
N ASN A 43 -5.03 -34.82 -3.76
CA ASN A 43 -3.88 -35.30 -4.50
C ASN A 43 -2.76 -35.52 -3.50
N ASP A 44 -1.78 -36.31 -3.91
CA ASP A 44 -0.64 -36.62 -3.07
C ASP A 44 0.60 -36.45 -3.93
N ASN A 45 0.98 -37.51 -4.63
CA ASN A 45 2.16 -37.47 -5.51
C ASN A 45 1.77 -38.09 -6.83
N GLY A 46 0.95 -37.38 -7.60
CA GLY A 46 0.54 -37.93 -8.87
C GLY A 46 -0.51 -39.03 -8.73
N SER A 47 -1.22 -39.02 -7.62
CA SER A 47 -2.28 -39.98 -7.37
C SER A 47 -3.38 -39.27 -6.59
N THR A 48 -4.55 -39.89 -6.51
CA THR A 48 -5.66 -39.26 -5.81
C THR A 48 -6.24 -40.21 -4.77
N GLU A 49 -6.70 -39.66 -3.65
CA GLU A 49 -7.27 -40.48 -2.59
C GLU A 49 -8.75 -40.11 -2.50
N TYR A 50 -9.62 -41.12 -2.47
CA TYR A 50 -11.06 -40.90 -2.49
C TYR A 50 -11.94 -41.25 -1.31
N GLY A 51 -12.87 -40.35 -1.04
CA GLY A 51 -13.86 -40.56 0.01
C GLY A 51 -13.49 -40.54 1.47
N LEU A 52 -14.45 -40.93 2.29
CA LEU A 52 -14.29 -40.99 3.72
C LEU A 52 -12.95 -41.61 4.13
N PHE A 53 -12.54 -42.69 3.47
CA PHE A 53 -11.31 -43.41 3.80
C PHE A 53 -10.07 -42.96 3.05
N GLN A 54 -10.26 -42.07 2.08
CA GLN A 54 -9.15 -41.60 1.28
C GLN A 54 -8.33 -42.77 0.66
N ILE A 55 -9.06 -43.69 0.06
CA ILE A 55 -8.48 -44.81 -0.64
C ILE A 55 -7.75 -44.27 -1.90
N SER A 56 -6.53 -44.72 -2.11
CA SER A 56 -5.73 -44.24 -3.24
C SER A 56 -5.97 -44.98 -4.55
N ASP A 57 -5.88 -44.27 -5.66
CA ASP A 57 -6.08 -44.88 -6.97
C ASP A 57 -4.74 -45.49 -7.42
N ARG A 58 -3.70 -45.33 -6.62
CA ARG A 58 -2.42 -45.88 -7.02
C ARG A 58 -2.47 -47.41 -7.09
N PHE A 59 -3.10 -48.05 -6.11
CA PHE A 59 -3.16 -49.50 -6.09
C PHE A 59 -4.52 -50.08 -5.80
N TRP A 60 -5.39 -49.30 -5.16
CA TRP A 60 -6.67 -49.82 -4.71
C TRP A 60 -7.96 -49.75 -5.53
N CYS A 61 -8.15 -48.67 -6.28
CA CYS A 61 -9.36 -48.56 -7.11
C CYS A 61 -9.06 -48.08 -8.50
N LYS A 62 -10.00 -48.27 -9.39
CA LYS A 62 -9.75 -47.83 -10.75
C LYS A 62 -10.29 -46.42 -11.02
N SER A 63 -9.40 -45.54 -11.48
CA SER A 63 -9.77 -44.19 -11.82
C SER A 63 -9.56 -44.07 -13.32
N SER A 64 -10.40 -43.30 -13.98
CA SER A 64 -10.30 -43.15 -15.44
C SER A 64 -8.91 -42.72 -15.90
N GLU A 65 -8.18 -42.03 -15.03
CA GLU A 65 -6.86 -41.57 -15.39
C GLU A 65 -5.74 -42.52 -14.95
N PHE A 66 -6.12 -43.69 -14.48
CA PHE A 66 -5.13 -44.68 -14.05
C PHE A 66 -5.65 -46.09 -14.33
N PRO A 67 -5.92 -46.40 -15.61
CA PRO A 67 -6.43 -47.72 -16.01
C PRO A 67 -5.38 -48.81 -15.75
N GLU A 68 -4.18 -48.38 -15.43
CA GLU A 68 -3.08 -49.28 -15.15
C GLU A 68 -3.12 -49.86 -13.73
N SER A 69 -3.60 -49.05 -12.77
CA SER A 69 -3.69 -49.46 -11.37
C SER A 69 -4.07 -50.91 -11.11
N GLU A 70 -3.48 -51.49 -10.07
CA GLU A 70 -3.78 -52.86 -9.70
C GLU A 70 -5.25 -53.02 -9.34
N ASN A 71 -5.88 -51.91 -8.94
CA ASN A 71 -7.29 -51.94 -8.53
C ASN A 71 -7.55 -53.13 -7.61
N ILE A 72 -6.71 -53.28 -6.59
CA ILE A 72 -6.86 -54.41 -5.67
C ILE A 72 -8.29 -54.58 -5.15
N CYS A 73 -8.99 -53.48 -4.93
CA CYS A 73 -10.35 -53.55 -4.43
C CYS A 73 -11.41 -53.84 -5.52
N GLY A 74 -10.98 -53.83 -6.78
CA GLY A 74 -11.90 -54.11 -7.88
C GLY A 74 -13.13 -53.20 -7.97
N ILE A 75 -12.91 -51.90 -7.83
CA ILE A 75 -14.01 -50.94 -7.88
C ILE A 75 -13.55 -49.65 -8.52
N SER A 76 -14.49 -48.95 -9.12
CA SER A 76 -14.15 -47.67 -9.70
C SER A 76 -14.00 -46.72 -8.52
N CYS A 77 -12.96 -45.90 -8.52
CA CYS A 77 -12.74 -44.94 -7.44
C CYS A 77 -13.98 -44.02 -7.20
N ASP A 78 -14.72 -43.72 -8.27
CA ASP A 78 -15.91 -42.83 -8.18
C ASP A 78 -16.96 -43.43 -7.30
N LYS A 79 -16.90 -44.75 -7.12
CA LYS A 79 -17.87 -45.40 -6.26
C LYS A 79 -17.59 -45.10 -4.79
N LEU A 80 -16.45 -44.46 -4.53
CA LEU A 80 -16.05 -44.10 -3.18
C LEU A 80 -16.41 -42.64 -2.90
N LEU A 81 -17.11 -42.03 -3.86
CA LEU A 81 -17.50 -40.64 -3.71
C LEU A 81 -19.00 -40.46 -3.55
N ASP A 82 -19.74 -41.57 -3.43
CA ASP A 82 -21.17 -41.43 -3.22
C ASP A 82 -21.39 -41.52 -1.72
N ASP A 83 -22.61 -41.76 -1.28
CA ASP A 83 -22.85 -41.86 0.15
C ASP A 83 -23.17 -43.26 0.63
N GLU A 84 -22.86 -44.26 -0.20
CA GLU A 84 -23.06 -45.66 0.18
C GLU A 84 -21.65 -46.16 0.56
N LEU A 85 -21.47 -46.38 1.85
CA LEU A 85 -20.19 -46.80 2.43
C LEU A 85 -19.82 -48.29 2.37
N ASP A 86 -20.73 -49.13 1.91
CA ASP A 86 -20.48 -50.55 1.86
C ASP A 86 -19.21 -50.92 1.10
N ASP A 87 -19.06 -50.40 -0.12
CA ASP A 87 -17.87 -50.73 -0.86
C ASP A 87 -16.61 -50.06 -0.32
N ASP A 88 -16.75 -48.86 0.26
CA ASP A 88 -15.61 -48.15 0.84
C ASP A 88 -15.10 -49.05 1.97
N ILE A 89 -16.03 -49.53 2.78
CA ILE A 89 -15.67 -50.37 3.89
C ILE A 89 -15.00 -51.67 3.49
N ALA A 90 -15.58 -52.38 2.53
CA ALA A 90 -14.99 -53.63 2.07
C ALA A 90 -13.59 -53.35 1.52
N CYS A 91 -13.40 -52.22 0.86
CA CYS A 91 -12.07 -51.92 0.34
C CYS A 91 -11.13 -51.60 1.49
N ALA A 92 -11.60 -50.82 2.44
CA ALA A 92 -10.78 -50.47 3.58
C ALA A 92 -10.34 -51.79 4.24
N LYS A 93 -11.27 -52.74 4.31
CA LYS A 93 -10.97 -54.04 4.91
C LYS A 93 -9.83 -54.72 4.19
N LYS A 94 -9.81 -54.67 2.86
CA LYS A 94 -8.72 -55.30 2.13
C LYS A 94 -7.41 -54.59 2.45
N ILE A 95 -7.41 -53.27 2.46
CA ILE A 95 -6.19 -52.54 2.76
C ILE A 95 -5.65 -52.97 4.14
N LEU A 96 -6.55 -53.10 5.11
CA LEU A 96 -6.14 -53.49 6.45
C LEU A 96 -5.47 -54.85 6.45
N ALA A 97 -6.08 -55.81 5.77
CA ALA A 97 -5.56 -57.16 5.69
C ALA A 97 -4.23 -57.26 4.97
N ILE A 98 -4.02 -56.40 4.00
CA ILE A 98 -2.81 -56.42 3.21
C ILE A 98 -1.68 -55.51 3.65
N LYS A 99 -1.94 -54.21 3.77
CA LYS A 99 -0.90 -53.25 4.20
C LYS A 99 -1.00 -52.93 5.69
N GLY A 100 -2.20 -52.98 6.24
CA GLY A 100 -2.37 -52.68 7.64
C GLY A 100 -2.82 -51.25 7.91
N ILE A 101 -3.14 -50.99 9.18
CA ILE A 101 -3.63 -49.71 9.61
C ILE A 101 -2.67 -48.58 9.29
N ASP A 102 -1.41 -48.91 9.03
CA ASP A 102 -0.49 -47.81 8.77
C ASP A 102 -0.69 -47.15 7.41
N TYR A 103 -1.65 -47.62 6.62
CA TYR A 103 -1.97 -46.98 5.34
C TYR A 103 -2.48 -45.58 5.70
N TRP A 104 -3.25 -45.51 6.79
CA TRP A 104 -3.81 -44.26 7.30
C TRP A 104 -2.74 -43.58 8.15
N LYS A 105 -2.04 -42.65 7.55
CA LYS A 105 -0.95 -41.98 8.23
C LYS A 105 -1.27 -41.15 9.46
N ALA A 106 -2.55 -40.83 9.65
CA ALA A 106 -2.95 -40.04 10.79
C ALA A 106 -3.07 -40.91 12.06
N TYR A 107 -3.12 -42.22 11.87
CA TYR A 107 -3.27 -43.15 12.99
C TYR A 107 -2.24 -43.05 14.10
N LYS A 108 -0.97 -43.26 13.75
CA LYS A 108 0.09 -43.21 14.74
C LYS A 108 0.16 -41.87 15.46
N PRO A 109 0.40 -40.78 14.71
CA PRO A 109 0.48 -39.48 15.36
C PRO A 109 -0.79 -38.89 15.97
N MET A 110 -1.96 -39.20 15.43
CA MET A 110 -3.16 -38.54 15.98
C MET A 110 -4.12 -39.42 16.76
N CYS A 111 -3.97 -40.73 16.61
CA CYS A 111 -4.91 -41.63 17.24
C CYS A 111 -4.28 -42.71 18.12
N SER A 112 -3.12 -42.40 18.70
CA SER A 112 -2.39 -43.32 19.58
C SER A 112 -2.82 -43.16 21.02
N GLU A 113 -3.58 -42.11 21.29
CA GLU A 113 -4.01 -41.88 22.66
C GLU A 113 -5.25 -41.04 22.67
N LYS A 114 -5.86 -40.97 23.84
CA LYS A 114 -7.04 -40.19 24.08
C LYS A 114 -8.13 -40.53 23.09
N LEU A 115 -8.58 -41.76 23.18
CA LEU A 115 -9.60 -42.29 22.31
C LEU A 115 -11.04 -42.10 22.80
N GLU A 116 -11.22 -42.08 24.12
CA GLU A 116 -12.56 -41.93 24.66
C GLU A 116 -13.28 -40.70 24.07
N GLN A 117 -12.53 -39.66 23.74
CA GLN A 117 -13.17 -38.47 23.19
C GLN A 117 -13.81 -38.75 21.82
N TRP A 118 -13.40 -39.83 21.15
CA TRP A 118 -13.92 -40.18 19.83
C TRP A 118 -15.21 -41.02 19.82
N ARG A 119 -15.70 -41.41 20.98
CA ARG A 119 -16.92 -42.21 21.00
C ARG A 119 -18.16 -41.39 20.65
N CYS A 120 -19.12 -42.02 19.99
CA CYS A 120 -20.35 -41.33 19.67
C CYS A 120 -21.19 -41.40 20.95
N GLU A 121 -21.60 -40.24 21.45
CA GLU A 121 -22.37 -40.15 22.69
C GLU A 121 -23.89 -40.03 22.49
N LYS A 122 -24.36 -40.41 21.31
CA LYS A 122 -25.78 -40.35 20.98
C LYS A 122 -26.26 -41.78 20.71
N PRO A 123 -27.47 -42.14 21.16
CA PRO A 123 -27.81 -43.52 20.82
C PRO A 123 -27.93 -43.63 19.29
N LEU B 15 -5.46 6.64 35.28
CA LEU B 15 -4.06 6.12 35.39
C LEU B 15 -4.09 4.82 36.20
N THR B 16 -5.29 4.39 36.54
CA THR B 16 -5.45 3.16 37.31
C THR B 16 -5.70 2.00 36.34
N ALA B 17 -5.12 0.84 36.64
CA ALA B 17 -5.25 -0.34 35.82
C ALA B 17 -6.70 -0.69 35.46
N CYS B 18 -6.87 -1.36 34.33
CA CYS B 18 -8.19 -1.77 33.90
C CYS B 18 -8.63 -2.93 34.76
N PRO B 19 -9.94 -3.02 35.03
CA PRO B 19 -10.35 -4.16 35.86
C PRO B 19 -10.05 -5.49 35.18
N GLU B 20 -9.95 -6.55 35.98
CA GLU B 20 -9.68 -7.90 35.48
C GLU B 20 -10.71 -8.23 34.40
N GLU B 21 -11.97 -7.94 34.68
CA GLU B 21 -13.02 -8.18 33.70
C GLU B 21 -13.52 -6.80 33.33
N SER B 22 -13.68 -6.58 32.04
CA SER B 22 -14.15 -5.30 31.54
C SER B 22 -15.62 -5.07 31.84
N PRO B 23 -15.95 -3.87 32.32
CA PRO B 23 -17.35 -3.57 32.63
C PRO B 23 -18.18 -3.34 31.35
N LEU B 24 -17.48 -3.20 30.21
CA LEU B 24 -18.16 -2.96 28.92
C LEU B 24 -18.70 -4.18 28.23
N LEU B 25 -18.38 -5.36 28.73
CA LEU B 25 -18.81 -6.59 28.07
C LEU B 25 -20.30 -6.78 27.89
N VAL B 26 -20.64 -7.39 26.77
CA VAL B 26 -22.03 -7.62 26.42
C VAL B 26 -22.43 -9.10 26.45
N GLY B 27 -21.46 -10.00 26.46
CA GLY B 27 -21.81 -11.41 26.48
C GLY B 27 -22.08 -11.90 25.07
N PRO B 28 -23.01 -12.83 24.89
CA PRO B 28 -23.29 -13.34 23.54
C PRO B 28 -23.64 -12.23 22.55
N MET B 29 -23.28 -12.42 21.27
CA MET B 29 -23.54 -11.43 20.21
C MET B 29 -24.03 -12.05 18.90
N LEU B 30 -24.76 -11.27 18.11
CA LEU B 30 -25.27 -11.77 16.84
C LEU B 30 -24.18 -11.62 15.79
N ILE B 31 -23.80 -12.73 15.16
CA ILE B 31 -22.77 -12.68 14.14
C ILE B 31 -23.32 -13.27 12.85
N GLU B 32 -23.26 -12.49 11.77
CA GLU B 32 -23.76 -12.93 10.48
C GLU B 32 -22.97 -12.28 9.34
N PHE B 33 -22.93 -12.93 8.19
CA PHE B 33 -22.16 -12.42 7.07
C PHE B 33 -22.97 -12.24 5.79
N ASN B 34 -24.11 -11.57 5.92
CA ASN B 34 -24.98 -11.34 4.77
C ASN B 34 -24.94 -9.88 4.33
N ILE B 35 -25.12 -8.96 5.28
CA ILE B 35 -25.10 -7.53 5.01
C ILE B 35 -23.69 -7.03 4.73
N PRO B 36 -23.44 -6.54 3.51
CA PRO B 36 -22.11 -6.03 3.12
C PRO B 36 -21.60 -4.98 4.10
N VAL B 37 -20.29 -4.91 4.26
CA VAL B 37 -19.72 -3.91 5.17
C VAL B 37 -18.89 -2.88 4.39
N ASP B 38 -18.82 -1.69 4.95
CA ASP B 38 -18.11 -0.58 4.35
C ASP B 38 -17.03 -0.15 5.34
N LEU B 39 -15.78 -0.46 5.02
CA LEU B 39 -14.68 -0.12 5.91
C LEU B 39 -14.73 1.32 6.38
N LYS B 40 -15.22 2.20 5.50
CA LYS B 40 -15.33 3.63 5.80
C LYS B 40 -16.36 3.81 6.93
N LEU B 41 -17.40 2.99 6.90
CA LEU B 41 -18.43 3.04 7.92
C LEU B 41 -17.85 2.47 9.21
N VAL B 42 -16.89 1.55 9.07
CA VAL B 42 -16.25 0.93 10.21
C VAL B 42 -15.27 1.90 10.88
N GLU B 43 -14.57 2.69 10.08
CA GLU B 43 -13.64 3.67 10.64
C GLU B 43 -14.54 4.62 11.40
N GLN B 44 -15.67 4.90 10.77
CA GLN B 44 -16.71 5.77 11.29
C GLN B 44 -17.11 5.34 12.70
N GLN B 45 -17.60 4.12 12.81
CA GLN B 45 -18.05 3.57 14.09
C GLN B 45 -16.92 3.42 15.11
N ASN B 46 -15.68 3.35 14.64
CA ASN B 46 -14.55 3.16 15.56
C ASN B 46 -13.49 4.26 15.56
N PRO B 47 -13.91 5.50 15.82
CA PRO B 47 -13.01 6.65 15.85
C PRO B 47 -11.78 6.59 16.76
N LYS B 48 -11.76 5.69 17.73
CA LYS B 48 -10.61 5.61 18.63
C LYS B 48 -9.42 4.84 18.04
N VAL B 49 -9.70 4.00 17.05
CA VAL B 49 -8.66 3.22 16.41
C VAL B 49 -7.80 4.16 15.59
N LYS B 50 -6.53 4.21 15.93
CA LYS B 50 -5.59 5.08 15.24
C LYS B 50 -4.88 4.42 14.05
N LEU B 51 -4.30 5.26 13.19
CA LEU B 51 -3.61 4.82 11.97
C LEU B 51 -2.72 3.59 12.20
N GLY B 52 -3.07 2.50 11.51
CA GLY B 52 -2.32 1.26 11.66
C GLY B 52 -3.17 0.24 12.38
N GLY B 53 -4.30 0.69 12.89
CA GLY B 53 -5.17 -0.20 13.62
C GLY B 53 -4.68 -0.39 15.04
N ARG B 54 -4.25 0.71 15.68
CA ARG B 54 -3.79 0.67 17.06
C ARG B 54 -4.86 1.30 17.94
N TYR B 55 -5.05 0.73 19.11
CA TYR B 55 -6.00 1.27 20.07
C TYR B 55 -5.42 1.12 21.47
N THR B 56 -5.58 2.16 22.26
CA THR B 56 -5.12 2.10 23.62
C THR B 56 -6.21 2.73 24.45
N PRO B 57 -6.63 2.07 25.53
CA PRO B 57 -7.71 2.63 26.35
C PRO B 57 -7.22 3.91 27.02
N MET B 58 -8.06 4.94 27.02
CA MET B 58 -7.68 6.20 27.64
C MET B 58 -8.26 6.32 29.04
N ASP B 59 -9.11 5.37 29.41
CA ASP B 59 -9.74 5.34 30.74
C ASP B 59 -8.84 4.72 31.80
N CYS B 60 -8.39 3.50 31.52
CA CYS B 60 -7.55 2.77 32.44
C CYS B 60 -6.27 2.33 31.75
N ILE B 61 -5.40 1.65 32.47
CA ILE B 61 -4.15 1.19 31.90
C ILE B 61 -4.15 -0.31 31.79
N SER B 62 -4.37 -0.81 30.58
CA SER B 62 -4.37 -2.23 30.33
C SER B 62 -2.97 -2.85 30.50
N PRO B 63 -2.90 -4.05 31.10
CA PRO B 63 -1.60 -4.71 31.28
C PRO B 63 -1.41 -5.63 30.06
N HIS B 64 -2.42 -5.63 29.19
CA HIS B 64 -2.40 -6.46 27.99
C HIS B 64 -2.08 -5.70 26.70
N LYS B 65 -0.79 -5.69 26.37
CA LYS B 65 -0.28 -5.07 25.15
C LYS B 65 -0.31 -6.21 24.13
N VAL B 66 -1.36 -6.20 23.33
CA VAL B 66 -1.59 -7.26 22.39
C VAL B 66 -1.47 -7.01 20.91
N ALA B 67 -0.66 -7.83 20.28
CA ALA B 67 -0.48 -7.75 18.84
C ALA B 67 -1.33 -8.89 18.30
N ILE B 68 -2.32 -8.56 17.47
CA ILE B 68 -3.15 -9.61 16.88
C ILE B 68 -2.58 -9.77 15.49
N ILE B 69 -2.22 -11.02 15.17
CA ILE B 69 -1.59 -11.36 13.92
C ILE B 69 -2.45 -12.22 13.03
N ILE B 70 -2.73 -11.75 11.83
CA ILE B 70 -3.55 -12.50 10.90
C ILE B 70 -2.83 -12.98 9.66
N PRO B 71 -2.67 -14.30 9.50
CA PRO B 71 -1.99 -14.87 8.32
C PRO B 71 -2.90 -14.54 7.15
N PHE B 72 -2.37 -13.98 6.06
CA PHE B 72 -3.24 -13.55 4.98
C PHE B 72 -2.77 -13.68 3.51
N ARG B 73 -3.74 -13.87 2.61
CA ARG B 73 -3.51 -13.97 1.17
C ARG B 73 -4.87 -14.08 0.49
N ASN B 74 -5.25 -13.03 -0.25
CA ASN B 74 -6.54 -13.01 -0.97
C ASN B 74 -7.75 -13.23 -0.09
N ARG B 75 -7.83 -12.65 1.08
CA ARG B 75 -9.01 -12.84 1.90
C ARG B 75 -9.55 -11.50 2.41
N GLN B 76 -9.51 -10.50 1.54
CA GLN B 76 -9.96 -9.16 1.89
C GLN B 76 -11.44 -9.09 2.27
N GLU B 77 -12.27 -9.94 1.70
CA GLU B 77 -13.68 -9.90 2.06
C GLU B 77 -13.84 -10.38 3.49
N HIS B 78 -13.09 -11.42 3.85
CA HIS B 78 -13.16 -11.96 5.19
C HIS B 78 -12.59 -10.90 6.15
N LEU B 79 -11.50 -10.25 5.76
CA LEU B 79 -10.89 -9.25 6.60
C LEU B 79 -11.90 -8.13 6.92
N LYS B 80 -12.77 -7.81 5.95
CA LYS B 80 -13.74 -6.77 6.15
C LYS B 80 -14.63 -7.10 7.34
N TYR B 81 -15.18 -8.31 7.32
CA TYR B 81 -16.02 -8.75 8.41
C TYR B 81 -15.22 -8.83 9.70
N TRP B 82 -14.01 -9.35 9.60
CA TRP B 82 -13.18 -9.48 10.78
C TRP B 82 -13.03 -8.15 11.50
N LEU B 83 -12.64 -7.13 10.75
CA LEU B 83 -12.41 -5.81 11.29
C LEU B 83 -13.67 -5.20 11.89
N TYR B 84 -14.76 -5.39 11.17
CA TYR B 84 -16.05 -4.86 11.59
C TYR B 84 -16.44 -5.43 12.96
N TYR B 85 -16.39 -6.76 13.09
CA TYR B 85 -16.78 -7.37 14.34
C TYR B 85 -15.78 -7.24 15.48
N LEU B 86 -14.50 -7.52 15.20
CA LEU B 86 -13.48 -7.51 16.25
C LEU B 86 -13.09 -6.20 16.85
N HIS B 87 -12.98 -5.15 16.03
CA HIS B 87 -12.60 -3.84 16.55
C HIS B 87 -13.43 -3.36 17.76
N PRO B 88 -14.75 -3.50 17.70
CA PRO B 88 -15.58 -3.06 18.83
C PRO B 88 -15.33 -3.97 20.05
N ILE B 89 -15.16 -5.24 19.78
CA ILE B 89 -14.93 -6.23 20.79
C ILE B 89 -13.63 -6.01 21.54
N LEU B 90 -12.52 -5.85 20.79
CA LEU B 90 -11.23 -5.67 21.42
C LEU B 90 -11.20 -4.43 22.29
N GLN B 91 -12.00 -3.43 21.93
CA GLN B 91 -12.04 -2.21 22.70
C GLN B 91 -12.87 -2.50 23.95
N ARG B 92 -14.00 -3.15 23.75
CA ARG B 92 -14.83 -3.51 24.90
C ARG B 92 -13.93 -4.27 25.88
N GLN B 93 -12.94 -5.01 25.39
CA GLN B 93 -12.05 -5.80 26.26
C GLN B 93 -10.88 -5.02 26.81
N GLN B 94 -10.89 -3.71 26.57
CA GLN B 94 -9.84 -2.83 27.05
C GLN B 94 -8.42 -3.33 26.86
N LEU B 95 -8.08 -3.70 25.63
CA LEU B 95 -6.73 -4.17 25.34
C LEU B 95 -5.97 -3.05 24.66
N ASP B 96 -4.66 -3.01 24.89
CA ASP B 96 -3.80 -2.03 24.24
C ASP B 96 -3.32 -2.88 23.05
N TYR B 97 -4.07 -2.82 21.95
CA TYR B 97 -3.79 -3.66 20.79
C TYR B 97 -3.37 -3.06 19.46
N GLY B 98 -2.82 -3.94 18.62
CA GLY B 98 -2.39 -3.60 17.28
C GLY B 98 -2.83 -4.70 16.31
N ILE B 99 -3.30 -4.31 15.12
CA ILE B 99 -3.73 -5.32 14.14
C ILE B 99 -2.67 -5.53 13.07
N TYR B 100 -2.22 -6.75 12.89
CA TYR B 100 -1.24 -7.02 11.84
C TYR B 100 -1.73 -8.06 10.84
N VAL B 101 -1.80 -7.68 9.57
CA VAL B 101 -2.21 -8.61 8.53
C VAL B 101 -0.92 -8.96 7.78
N ILE B 102 -0.46 -10.20 7.89
CA ILE B 102 0.75 -10.66 7.23
C ILE B 102 0.36 -11.26 5.90
N ASN B 103 0.49 -10.47 4.85
CA ASN B 103 0.10 -10.89 3.52
C ASN B 103 1.23 -11.63 2.83
N GLN B 104 0.96 -12.87 2.47
CA GLN B 104 1.97 -13.66 1.78
C GLN B 104 2.10 -13.20 0.33
N ALA B 105 3.26 -12.72 -0.04
CA ALA B 105 3.45 -12.28 -1.42
C ALA B 105 3.67 -13.49 -2.30
N GLY B 106 3.32 -13.36 -3.59
CA GLY B 106 3.55 -14.45 -4.51
C GLY B 106 2.40 -15.40 -4.80
N GLU B 107 2.73 -16.53 -5.41
CA GLU B 107 1.74 -17.53 -5.80
C GLU B 107 2.12 -18.98 -5.46
N SER B 108 3.20 -19.20 -4.72
CA SER B 108 3.57 -20.56 -4.34
C SER B 108 2.69 -20.99 -3.14
N MET B 109 2.88 -22.21 -2.64
CA MET B 109 2.09 -22.73 -1.52
C MET B 109 1.97 -21.81 -0.31
N PHE B 110 0.75 -21.71 0.22
CA PHE B 110 0.50 -20.89 1.38
C PHE B 110 1.17 -21.46 2.63
N ASN B 111 1.73 -20.58 3.46
CA ASN B 111 2.40 -21.03 4.67
C ASN B 111 1.90 -20.26 5.90
N ARG B 112 0.85 -20.78 6.53
CA ARG B 112 0.26 -20.14 7.68
C ARG B 112 1.19 -19.84 8.86
N ALA B 113 1.86 -20.86 9.38
CA ALA B 113 2.71 -20.69 10.56
C ALA B 113 3.84 -19.75 10.33
N LYS B 114 4.47 -19.84 9.16
CA LYS B 114 5.58 -18.96 8.84
C LYS B 114 5.15 -17.49 8.87
N LEU B 115 3.96 -17.19 8.35
CA LEU B 115 3.48 -15.82 8.35
C LEU B 115 3.28 -15.41 9.81
N LEU B 116 2.71 -16.30 10.61
CA LEU B 116 2.51 -16.00 12.03
C LEU B 116 3.85 -15.58 12.65
N ASN B 117 4.91 -16.33 12.32
CA ASN B 117 6.25 -16.04 12.82
C ASN B 117 6.65 -14.63 12.41
N VAL B 118 6.40 -14.30 11.15
CA VAL B 118 6.70 -12.97 10.64
C VAL B 118 5.89 -11.92 11.43
N GLY B 119 4.62 -12.18 11.64
CA GLY B 119 3.81 -11.24 12.38
C GLY B 119 4.46 -10.95 13.71
N PHE B 120 4.98 -11.98 14.36
CA PHE B 120 5.64 -11.79 15.64
C PHE B 120 6.80 -10.78 15.54
N LYS B 121 7.76 -11.05 14.66
CA LYS B 121 8.92 -10.15 14.51
C LYS B 121 8.57 -8.75 14.03
N GLU B 122 7.64 -8.66 13.08
CA GLU B 122 7.24 -7.36 12.55
C GLU B 122 6.49 -6.50 13.61
N ALA B 123 5.51 -7.08 14.29
CA ALA B 123 4.77 -6.30 15.29
C ALA B 123 5.72 -5.79 16.36
N LEU B 124 6.73 -6.58 16.70
CA LEU B 124 7.72 -6.19 17.70
C LEU B 124 8.54 -4.98 17.27
N LYS B 125 8.59 -4.74 15.96
CA LYS B 125 9.33 -3.59 15.44
C LYS B 125 8.59 -2.31 15.77
N ASP B 126 7.27 -2.42 15.93
CA ASP B 126 6.38 -1.30 16.23
C ASP B 126 6.22 -0.90 17.67
N TYR B 127 5.97 -1.88 18.54
CA TYR B 127 5.69 -1.61 19.95
C TYR B 127 6.19 -2.79 20.78
N ASP B 128 6.41 -2.57 22.08
CA ASP B 128 6.89 -3.64 22.95
C ASP B 128 5.78 -4.54 23.47
N TYR B 129 5.11 -5.22 22.55
CA TYR B 129 4.01 -6.14 22.87
C TYR B 129 4.52 -7.25 23.76
N ASN B 130 3.68 -7.68 24.71
CA ASN B 130 4.06 -8.80 25.58
C ASN B 130 3.12 -9.98 25.33
N CYS B 131 2.11 -9.76 24.50
CA CYS B 131 1.14 -10.80 24.21
C CYS B 131 0.81 -10.91 22.70
N PHE B 132 0.69 -12.13 22.20
CA PHE B 132 0.42 -12.31 20.78
C PHE B 132 -0.74 -13.22 20.50
N VAL B 133 -1.75 -12.69 19.83
CA VAL B 133 -2.92 -13.44 19.46
C VAL B 133 -2.86 -13.74 17.97
N PHE B 134 -2.74 -15.01 17.61
CA PHE B 134 -2.71 -15.41 16.21
C PHE B 134 -4.12 -15.76 15.81
N SER B 135 -4.66 -15.02 14.85
CA SER B 135 -6.03 -15.25 14.44
C SER B 135 -6.20 -15.37 12.97
N ASP B 136 -6.91 -16.40 12.54
CA ASP B 136 -7.16 -16.55 11.13
C ASP B 136 -8.19 -15.47 10.79
N VAL B 137 -8.35 -15.16 9.50
CA VAL B 137 -9.27 -14.09 9.05
C VAL B 137 -10.74 -14.35 9.11
N ASP B 138 -11.12 -15.61 9.13
CA ASP B 138 -12.52 -15.96 9.08
C ASP B 138 -13.17 -16.38 10.39
N LEU B 139 -12.53 -16.08 11.52
CA LEU B 139 -13.09 -16.47 12.79
C LEU B 139 -13.52 -15.30 13.63
N ILE B 140 -14.81 -15.31 13.98
CA ILE B 140 -15.37 -14.25 14.78
C ILE B 140 -15.90 -14.79 16.11
N PRO B 141 -15.41 -14.28 17.23
CA PRO B 141 -15.89 -14.79 18.53
C PRO B 141 -17.35 -14.36 18.73
N MET B 142 -18.19 -15.25 19.25
CA MET B 142 -19.60 -14.94 19.47
C MET B 142 -19.92 -14.48 20.88
N ASN B 143 -18.90 -14.30 21.71
CA ASN B 143 -19.13 -13.84 23.08
C ASN B 143 -17.94 -13.03 23.49
N ASP B 144 -18.14 -11.79 23.93
CA ASP B 144 -16.97 -10.99 24.30
C ASP B 144 -16.33 -11.36 25.63
N HIS B 145 -16.82 -12.40 26.29
CA HIS B 145 -16.16 -12.83 27.51
C HIS B 145 -14.93 -13.66 27.13
N ASN B 146 -14.88 -14.07 25.85
CA ASN B 146 -13.75 -14.83 25.33
C ASN B 146 -12.64 -13.81 25.04
N THR B 147 -11.93 -13.40 26.07
CA THR B 147 -10.88 -12.40 25.96
C THR B 147 -9.67 -12.73 25.07
N TYR B 148 -9.26 -11.76 24.25
CA TYR B 148 -8.12 -11.92 23.33
C TYR B 148 -6.86 -11.46 24.01
N ARG B 149 -6.44 -12.18 25.03
CA ARG B 149 -5.25 -11.83 25.75
C ARG B 149 -4.52 -13.10 26.12
N CYS B 150 -3.43 -12.96 26.83
CA CYS B 150 -2.62 -14.08 27.25
C CYS B 150 -2.95 -14.57 28.67
N PHE B 151 -2.67 -15.83 28.96
CA PHE B 151 -2.97 -16.41 30.28
C PHE B 151 -1.74 -17.14 30.81
N SER B 152 -1.85 -17.70 32.02
CA SER B 152 -0.72 -18.39 32.64
C SER B 152 -0.24 -19.57 31.82
N GLN B 153 -1.05 -19.96 30.84
CA GLN B 153 -0.69 -21.05 29.95
C GLN B 153 -1.15 -20.63 28.57
N PRO B 154 -0.60 -21.23 27.51
CA PRO B 154 -0.99 -20.89 26.13
C PRO B 154 -2.50 -20.96 26.01
N ARG B 155 -3.08 -19.97 25.37
CA ARG B 155 -4.51 -19.92 25.27
C ARG B 155 -5.10 -20.26 23.91
N HIS B 156 -5.99 -21.23 23.87
CA HIS B 156 -6.67 -21.60 22.64
C HIS B 156 -7.98 -20.82 22.73
N ILE B 157 -8.26 -19.98 21.73
CA ILE B 157 -9.48 -19.16 21.76
C ILE B 157 -10.67 -19.62 20.96
N SER B 158 -10.44 -20.06 19.71
CA SER B 158 -11.54 -20.50 18.87
C SER B 158 -11.89 -21.92 19.29
N VAL B 159 -12.47 -22.03 20.47
CA VAL B 159 -12.81 -23.32 21.09
C VAL B 159 -13.99 -24.09 20.57
N ALA B 160 -15.08 -23.38 20.28
CA ALA B 160 -16.30 -23.99 19.80
C ALA B 160 -16.81 -23.27 18.53
N MET B 161 -16.34 -23.75 17.38
CA MET B 161 -16.68 -23.20 16.05
C MET B 161 -17.98 -23.73 15.47
N ASP B 162 -18.80 -22.86 14.91
CA ASP B 162 -20.03 -23.34 14.31
C ASP B 162 -19.68 -24.43 13.32
N LYS B 163 -18.54 -24.27 12.66
CA LYS B 163 -18.08 -25.28 11.71
C LYS B 163 -18.04 -26.69 12.31
N PHE B 164 -17.74 -26.78 13.60
CA PHE B 164 -17.67 -28.09 14.24
C PHE B 164 -18.84 -28.40 15.19
N GLY B 165 -19.96 -27.75 14.96
CA GLY B 165 -21.11 -28.00 15.79
C GLY B 165 -20.93 -27.36 17.15
N PHE B 166 -20.13 -26.29 17.20
CA PHE B 166 -19.94 -25.62 18.47
C PHE B 166 -19.28 -26.53 19.51
N SER B 167 -18.42 -27.40 19.00
CA SER B 167 -17.64 -28.35 19.81
C SER B 167 -16.15 -28.31 19.46
N LEU B 168 -15.31 -28.62 20.43
CA LEU B 168 -13.89 -28.70 20.19
C LEU B 168 -13.82 -29.99 19.37
N PRO B 169 -13.20 -29.96 18.18
CA PRO B 169 -13.16 -31.21 17.39
C PRO B 169 -12.33 -32.32 18.02
N TYR B 170 -11.26 -31.95 18.72
CA TYR B 170 -10.45 -32.92 19.45
C TYR B 170 -9.65 -32.16 20.49
N VAL B 171 -9.44 -32.77 21.66
CA VAL B 171 -8.75 -32.07 22.74
C VAL B 171 -7.38 -31.53 22.36
N GLN B 172 -6.71 -32.17 21.41
CA GLN B 172 -5.39 -31.73 20.97
C GLN B 172 -5.45 -30.59 19.95
N TYR B 173 -6.65 -30.08 19.69
CA TYR B 173 -6.78 -29.03 18.68
C TYR B 173 -6.33 -27.65 19.11
N PHE B 174 -5.56 -27.02 18.24
CA PHE B 174 -5.04 -25.72 18.51
C PHE B 174 -5.08 -24.81 17.28
N GLY B 175 -6.05 -25.01 16.40
CA GLY B 175 -6.11 -24.16 15.23
C GLY B 175 -7.13 -23.04 15.44
N GLY B 176 -7.10 -22.06 14.53
CA GLY B 176 -8.04 -20.94 14.57
C GLY B 176 -7.49 -19.67 15.16
N VAL B 177 -7.73 -19.49 16.45
CA VAL B 177 -7.28 -18.31 17.14
C VAL B 177 -6.66 -18.78 18.44
N SER B 178 -5.42 -18.38 18.70
CA SER B 178 -4.75 -18.75 19.94
C SER B 178 -3.94 -17.57 20.43
N ALA B 179 -3.48 -17.64 21.68
CA ALA B 179 -2.66 -16.54 22.23
C ALA B 179 -1.52 -17.02 23.12
N LEU B 180 -0.31 -16.56 22.81
CA LEU B 180 0.87 -16.90 23.61
C LEU B 180 1.53 -15.63 24.03
N SER B 181 2.04 -15.62 25.26
CA SER B 181 2.71 -14.45 25.77
C SER B 181 4.03 -14.47 25.00
N LYS B 182 4.76 -13.36 25.03
CA LYS B 182 6.04 -13.29 24.33
C LYS B 182 6.96 -14.46 24.74
N GLN B 183 7.05 -14.69 26.05
CA GLN B 183 7.88 -15.74 26.60
C GLN B 183 7.39 -17.14 26.22
N GLN B 184 6.11 -17.41 26.41
CA GLN B 184 5.59 -18.71 26.06
C GLN B 184 5.97 -18.98 24.61
N PHE B 185 5.78 -17.97 23.78
CA PHE B 185 6.09 -18.11 22.37
C PHE B 185 7.58 -18.34 22.12
N LEU B 186 8.42 -17.57 22.80
CA LEU B 186 9.86 -17.70 22.63
C LEU B 186 10.33 -19.06 23.11
N SER B 187 9.68 -19.59 24.14
CA SER B 187 10.06 -20.87 24.72
C SER B 187 9.97 -22.06 23.77
N ILE B 188 9.17 -21.95 22.72
CA ILE B 188 9.06 -23.08 21.79
C ILE B 188 9.70 -22.80 20.46
N ASN B 189 10.64 -21.86 20.44
CA ASN B 189 11.29 -21.47 19.21
C ASN B 189 10.21 -20.99 18.23
N GLY B 190 9.11 -20.49 18.78
CA GLY B 190 8.04 -19.98 17.94
C GLY B 190 7.34 -21.07 17.16
N PHE B 191 6.79 -20.71 16.01
CA PHE B 191 6.07 -21.69 15.22
C PHE B 191 7.01 -22.27 14.16
N PRO B 192 6.59 -23.32 13.47
CA PRO B 192 7.49 -23.91 12.47
C PRO B 192 7.39 -23.20 11.13
N ASN B 193 8.47 -23.17 10.36
CA ASN B 193 8.42 -22.53 9.05
C ASN B 193 8.25 -23.54 7.93
N ASN B 194 8.51 -24.81 8.25
CA ASN B 194 8.45 -25.88 7.24
C ASN B 194 7.12 -26.54 6.86
N TYR B 195 5.98 -25.98 7.28
CA TYR B 195 4.68 -26.57 6.90
C TYR B 195 4.10 -25.78 5.74
N TRP B 196 4.15 -26.39 4.56
CA TRP B 196 3.62 -25.75 3.37
C TRP B 196 2.34 -26.43 2.98
N GLY B 197 1.30 -25.64 2.80
CA GLY B 197 0.02 -26.21 2.43
C GLY B 197 -0.80 -26.32 3.68
N TRP B 198 -2.04 -26.79 3.52
CA TRP B 198 -3.00 -26.93 4.60
C TRP B 198 -2.76 -28.08 5.58
N GLY B 199 -3.13 -27.82 6.85
CA GLY B 199 -3.04 -28.83 7.90
C GLY B 199 -1.75 -29.22 8.60
N GLY B 200 -1.90 -29.57 9.88
CA GLY B 200 -0.80 -30.02 10.67
C GLY B 200 0.06 -29.02 11.39
N GLU B 201 0.23 -27.82 10.84
CA GLU B 201 1.11 -26.87 11.54
C GLU B 201 0.57 -26.57 12.94
N ASP B 202 -0.76 -26.49 13.05
CA ASP B 202 -1.39 -26.19 14.32
C ASP B 202 -1.18 -27.37 15.29
N ASP B 203 -1.18 -28.59 14.76
CA ASP B 203 -0.95 -29.76 15.59
C ASP B 203 0.52 -29.75 16.05
N ASP B 204 1.40 -29.32 15.16
CA ASP B 204 2.81 -29.26 15.48
C ASP B 204 3.02 -28.28 16.64
N ILE B 205 2.35 -27.13 16.55
CA ILE B 205 2.44 -26.08 17.57
C ILE B 205 1.94 -26.66 18.88
N TYR B 206 0.86 -27.43 18.80
CA TYR B 206 0.31 -28.08 19.96
C TYR B 206 1.43 -28.92 20.60
N ASN B 207 2.07 -29.76 19.78
CA ASN B 207 3.16 -30.62 20.27
C ASN B 207 4.26 -29.80 20.89
N ARG B 208 4.65 -28.73 20.23
CA ARG B 208 5.69 -27.91 20.79
C ARG B 208 5.39 -27.50 22.21
N LEU B 209 4.14 -27.17 22.50
CA LEU B 209 3.78 -26.74 23.84
C LEU B 209 4.00 -27.83 24.90
N ALA B 210 3.56 -29.03 24.57
CA ALA B 210 3.70 -30.15 25.51
C ALA B 210 5.16 -30.50 25.78
N PHE B 211 5.96 -30.50 24.72
CA PHE B 211 7.37 -30.81 24.82
C PHE B 211 8.13 -29.74 25.55
N ARG B 212 7.43 -28.73 26.05
CA ARG B 212 8.07 -27.65 26.77
C ARG B 212 7.44 -27.45 28.12
N GLY B 213 6.52 -28.34 28.47
CA GLY B 213 5.90 -28.24 29.78
C GLY B 213 4.68 -27.34 29.91
N MET B 214 4.09 -26.96 28.79
CA MET B 214 2.92 -26.09 28.85
C MET B 214 1.70 -26.90 28.52
N SER B 215 0.57 -26.52 29.10
CA SER B 215 -0.67 -27.17 28.82
C SER B 215 -1.53 -26.10 28.15
N VAL B 216 -2.70 -26.48 27.66
CA VAL B 216 -3.55 -25.54 26.97
C VAL B 216 -4.67 -24.99 27.80
N SER B 217 -4.79 -23.67 27.84
CA SER B 217 -5.89 -23.05 28.58
C SER B 217 -6.99 -22.71 27.57
N ARG B 218 -8.26 -22.83 27.98
CA ARG B 218 -9.41 -22.55 27.12
C ARG B 218 -10.64 -22.04 27.88
N PRO B 219 -11.45 -21.21 27.21
CA PRO B 219 -12.68 -20.70 27.83
C PRO B 219 -13.62 -21.90 27.65
N ASN B 220 -14.69 -22.03 28.42
CA ASN B 220 -15.56 -23.19 28.22
C ASN B 220 -16.27 -23.07 26.88
N ALA B 221 -16.94 -24.16 26.48
CA ALA B 221 -17.63 -24.24 25.20
C ALA B 221 -18.75 -23.25 24.95
N VAL B 222 -19.27 -22.61 25.99
CA VAL B 222 -20.33 -21.65 25.76
C VAL B 222 -19.75 -20.28 25.44
N ILE B 223 -18.90 -19.74 26.29
CA ILE B 223 -18.36 -18.44 25.95
C ILE B 223 -17.31 -18.57 24.81
N GLY B 224 -16.92 -19.79 24.50
CA GLY B 224 -15.99 -20.02 23.43
C GLY B 224 -16.65 -20.22 22.07
N LYS B 225 -17.97 -20.01 21.96
CA LYS B 225 -18.69 -20.12 20.66
C LYS B 225 -18.05 -19.20 19.62
N CYS B 226 -17.82 -19.70 18.42
CA CYS B 226 -17.17 -18.90 17.37
C CYS B 226 -17.76 -19.18 15.98
N ARG B 227 -17.75 -18.19 15.11
CA ARG B 227 -18.23 -18.42 13.76
C ARG B 227 -17.08 -18.28 12.79
N MET B 228 -17.02 -19.20 11.83
CA MET B 228 -16.02 -19.15 10.78
C MET B 228 -16.84 -18.93 9.52
N ILE B 229 -16.58 -17.83 8.84
CA ILE B 229 -17.25 -17.52 7.59
C ILE B 229 -17.10 -18.75 6.70
N ARG B 230 -18.22 -19.22 6.15
CA ARG B 230 -18.17 -20.39 5.27
C ARG B 230 -17.33 -20.07 4.04
N HIS B 231 -16.49 -21.01 3.63
CA HIS B 231 -15.65 -20.78 2.47
C HIS B 231 -15.02 -22.08 1.99
N SER B 232 -14.61 -22.12 0.73
CA SER B 232 -13.98 -23.32 0.22
C SER B 232 -12.47 -23.18 0.35
N ARG B 233 -11.79 -24.32 0.37
CA ARG B 233 -10.32 -24.38 0.47
C ARG B 233 -9.73 -23.65 -0.75
N ASP B 234 -8.78 -22.76 -0.51
CA ASP B 234 -8.14 -21.96 -1.56
C ASP B 234 -7.11 -22.71 -2.38
N LYS B 235 -6.92 -22.26 -3.61
CA LYS B 235 -5.93 -22.86 -4.48
C LYS B 235 -4.60 -22.48 -3.82
N LYS B 236 -3.59 -23.33 -4.01
CA LYS B 236 -2.26 -23.10 -3.45
C LYS B 236 -2.18 -23.34 -1.94
N ASN B 237 -3.26 -23.90 -1.38
CA ASN B 237 -3.29 -24.24 0.05
C ASN B 237 -3.92 -25.61 0.18
N GLU B 238 -3.48 -26.54 -0.68
CA GLU B 238 -3.98 -27.90 -0.67
C GLU B 238 -3.44 -28.65 0.54
N PRO B 239 -4.12 -29.73 0.94
CA PRO B 239 -3.68 -30.53 2.08
C PRO B 239 -2.23 -30.94 1.93
N ASN B 240 -1.44 -30.69 2.96
CA ASN B 240 -0.02 -31.02 2.96
C ASN B 240 0.14 -32.53 3.20
N PRO B 241 0.48 -33.29 2.16
CA PRO B 241 0.67 -34.75 2.24
C PRO B 241 1.71 -35.21 3.23
N GLN B 242 2.51 -34.29 3.72
CA GLN B 242 3.56 -34.63 4.65
C GLN B 242 3.23 -34.34 6.12
N ARG B 243 2.19 -33.54 6.34
CA ARG B 243 1.82 -33.14 7.70
C ARG B 243 1.87 -34.23 8.77
N PHE B 244 1.27 -35.38 8.47
CA PHE B 244 1.25 -36.43 9.45
C PHE B 244 2.61 -36.94 9.84
N ASP B 245 3.54 -36.91 8.89
CA ASP B 245 4.86 -37.38 9.25
C ASP B 245 5.65 -36.30 9.98
N ARG B 246 5.52 -35.06 9.53
CA ARG B 246 6.24 -33.98 10.15
C ARG B 246 5.77 -33.82 11.60
N ILE B 247 4.49 -34.05 11.84
CA ILE B 247 3.92 -33.92 13.17
C ILE B 247 4.49 -34.92 14.15
N ALA B 248 4.96 -36.05 13.64
CA ALA B 248 5.55 -37.08 14.49
C ALA B 248 6.96 -36.75 14.96
N HIS B 249 7.58 -35.73 14.39
CA HIS B 249 8.93 -35.41 14.82
C HIS B 249 9.12 -34.06 15.48
N THR B 250 8.01 -33.38 15.74
CA THR B 250 8.08 -32.06 16.37
C THR B 250 9.19 -31.94 17.41
N LYS B 251 9.25 -32.89 18.33
CA LYS B 251 10.27 -32.85 19.39
C LYS B 251 11.67 -32.49 18.90
N GLU B 252 12.12 -33.09 17.81
CA GLU B 252 13.45 -32.79 17.29
C GLU B 252 13.51 -31.58 16.37
N THR B 253 12.56 -31.48 15.44
CA THR B 253 12.54 -30.39 14.49
C THR B 253 12.31 -29.01 15.10
N MET B 254 11.62 -28.95 16.24
CA MET B 254 11.35 -27.65 16.85
C MET B 254 12.63 -26.99 17.32
N LEU B 255 13.70 -27.76 17.44
CA LEU B 255 14.95 -27.15 17.88
C LEU B 255 15.62 -26.44 16.69
N SER B 256 15.32 -26.87 15.47
CA SER B 256 15.94 -26.29 14.28
C SER B 256 15.03 -25.57 13.27
N ASP B 257 13.72 -25.59 13.49
CA ASP B 257 12.80 -24.92 12.58
C ASP B 257 11.83 -24.02 13.33
N GLY B 258 12.09 -22.72 13.31
CA GLY B 258 11.22 -21.79 13.99
C GLY B 258 11.76 -20.39 13.95
N LEU B 259 11.65 -19.69 15.07
CA LEU B 259 12.14 -18.32 15.10
C LEU B 259 13.59 -18.23 14.68
N ASN B 260 14.41 -19.10 15.25
CA ASN B 260 15.83 -19.14 14.96
C ASN B 260 16.20 -19.51 13.52
N SER B 261 15.24 -19.91 12.69
CA SER B 261 15.59 -20.26 11.32
C SER B 261 14.73 -19.47 10.34
N LEU B 262 14.10 -18.44 10.85
CA LEU B 262 13.24 -17.60 10.06
C LEU B 262 13.97 -16.61 9.13
N THR B 263 13.59 -16.60 7.85
CA THR B 263 14.16 -15.65 6.89
C THR B 263 12.98 -15.21 6.03
N TYR B 264 12.93 -13.92 5.74
CA TYR B 264 11.85 -13.39 4.94
C TYR B 264 12.27 -12.00 4.51
N MET B 265 11.65 -11.47 3.48
CA MET B 265 11.96 -10.12 3.02
C MET B 265 10.69 -9.32 3.00
N VAL B 266 10.75 -8.12 3.56
CA VAL B 266 9.59 -7.26 3.59
C VAL B 266 9.51 -6.53 2.24
N LEU B 267 8.39 -6.69 1.57
CA LEU B 267 8.16 -6.05 0.27
C LEU B 267 7.39 -4.75 0.42
N GLU B 268 6.49 -4.69 1.38
CA GLU B 268 5.69 -3.50 1.56
C GLU B 268 4.98 -3.44 2.91
N VAL B 269 5.09 -2.31 3.60
CA VAL B 269 4.41 -2.09 4.88
C VAL B 269 3.37 -1.01 4.65
N GLN B 270 2.10 -1.37 4.83
CA GLN B 270 1.00 -0.45 4.63
C GLN B 270 0.22 -0.14 5.91
N ARG B 271 0.06 1.13 6.22
CA ARG B 271 -0.70 1.54 7.39
C ARG B 271 -2.06 2.12 6.98
N TYR B 272 -3.14 1.38 7.15
CA TYR B 272 -4.45 1.91 6.83
C TYR B 272 -5.01 2.37 8.16
N PRO B 273 -6.19 3.00 8.17
CA PRO B 273 -6.67 3.43 9.50
C PRO B 273 -7.05 2.27 10.43
N LEU B 274 -7.64 1.20 9.90
CA LEU B 274 -8.07 0.05 10.69
C LEU B 274 -7.09 -1.15 10.80
N TYR B 275 -5.85 -1.00 10.34
CA TYR B 275 -4.89 -2.09 10.40
C TYR B 275 -3.61 -1.82 9.66
N THR B 276 -2.64 -2.69 9.87
CA THR B 276 -1.32 -2.64 9.24
C THR B 276 -1.16 -3.91 8.43
N LYS B 277 -0.95 -3.78 7.13
CA LYS B 277 -0.80 -4.96 6.30
C LYS B 277 0.65 -5.00 5.85
N ILE B 278 1.31 -6.12 6.07
CA ILE B 278 2.70 -6.26 5.67
C ILE B 278 2.82 -7.38 4.65
N THR B 279 3.28 -7.03 3.46
CA THR B 279 3.46 -8.01 2.40
C THR B 279 4.88 -8.49 2.52
N VAL B 280 5.07 -9.81 2.54
CA VAL B 280 6.42 -10.37 2.67
C VAL B 280 6.70 -11.51 1.71
N ASP B 281 7.97 -11.74 1.41
CA ASP B 281 8.37 -12.85 0.56
C ASP B 281 8.96 -13.88 1.51
N ILE B 282 8.28 -15.00 1.70
CA ILE B 282 8.80 -15.99 2.63
C ILE B 282 9.42 -17.23 1.99
N GLY B 283 9.74 -17.16 0.71
CA GLY B 283 10.37 -18.29 0.05
C GLY B 283 9.45 -19.36 -0.49
N THR B 284 9.99 -20.54 -0.73
CA THR B 284 9.22 -21.65 -1.28
C THR B 284 9.50 -22.93 -0.53
N PRO B 285 8.61 -23.92 -0.67
CA PRO B 285 8.77 -25.21 -0.01
C PRO B 285 10.07 -25.83 -0.52
N SER B 286 11.00 -26.11 0.38
CA SER B 286 12.27 -26.70 -0.06
C SER B 286 12.75 -27.80 0.88
N THR C 1 2.33 24.84 -33.56
CA THR C 1 3.82 24.83 -33.49
C THR C 1 4.32 25.60 -32.28
N GLU C 2 5.28 25.04 -31.55
CA GLU C 2 5.84 25.74 -30.39
C GLU C 2 6.91 26.69 -30.89
N LEU C 3 6.56 27.96 -31.02
CA LEU C 3 7.51 28.95 -31.49
C LEU C 3 8.53 29.36 -30.42
N THR C 4 9.50 30.18 -30.85
CA THR C 4 10.54 30.68 -29.96
C THR C 4 10.28 32.15 -29.71
N LYS C 5 10.85 32.66 -28.63
CA LYS C 5 10.71 34.06 -28.30
C LYS C 5 11.05 34.92 -29.51
N CYS C 6 12.14 34.59 -30.20
CA CYS C 6 12.51 35.40 -31.35
C CYS C 6 11.56 35.23 -32.52
N LYS C 7 11.13 34.01 -32.79
CA LYS C 7 10.18 33.80 -33.90
C LYS C 7 8.94 34.61 -33.60
N VAL C 8 8.51 34.57 -32.34
CA VAL C 8 7.31 35.30 -31.94
C VAL C 8 7.55 36.78 -32.13
N SER C 9 8.64 37.28 -31.56
CA SER C 9 8.97 38.69 -31.67
C SER C 9 9.03 39.18 -33.10
N HIS C 10 9.61 38.37 -33.98
CA HIS C 10 9.68 38.79 -35.36
C HIS C 10 8.34 38.66 -36.01
N ALA C 11 7.60 37.63 -35.63
CA ALA C 11 6.30 37.43 -36.25
C ALA C 11 5.32 38.56 -35.92
N ILE C 12 5.29 39.01 -34.66
CA ILE C 12 4.34 40.07 -34.29
C ILE C 12 4.87 41.50 -34.36
N LYS C 13 5.96 41.70 -35.10
CA LYS C 13 6.55 43.04 -35.22
C LYS C 13 5.52 44.14 -35.41
N ASP C 14 4.59 43.91 -36.32
CA ASP C 14 3.56 44.89 -36.59
C ASP C 14 2.70 45.33 -35.39
N ILE C 15 2.70 44.59 -34.30
CA ILE C 15 1.87 45.00 -33.17
C ILE C 15 2.67 45.84 -32.18
N ASP C 16 3.92 46.13 -32.49
CA ASP C 16 4.79 46.89 -31.59
C ASP C 16 4.37 48.34 -31.36
N GLY C 17 4.26 48.71 -30.09
CA GLY C 17 3.90 50.07 -29.75
C GLY C 17 2.43 50.36 -29.87
N TYR C 18 1.67 49.37 -30.31
CA TYR C 18 0.26 49.59 -30.46
C TYR C 18 -0.36 49.67 -29.07
N GLN C 19 -1.08 50.75 -28.82
CA GLN C 19 -1.70 50.94 -27.53
C GLN C 19 -0.61 51.01 -26.45
N GLY C 20 0.60 51.41 -26.85
CA GLY C 20 1.70 51.53 -25.91
C GLY C 20 2.41 50.27 -25.47
N ILE C 21 1.97 49.10 -25.93
CA ILE C 21 2.62 47.86 -25.55
C ILE C 21 3.78 47.50 -26.46
N SER C 22 4.98 47.37 -25.89
CA SER C 22 6.18 47.04 -26.66
C SER C 22 6.34 45.54 -26.96
N LEU C 23 7.30 45.20 -27.82
CA LEU C 23 7.56 43.81 -28.16
C LEU C 23 8.02 43.01 -26.95
N LEU C 24 8.79 43.65 -26.07
CA LEU C 24 9.26 42.97 -24.88
C LEU C 24 8.05 42.55 -24.07
N GLU C 25 7.17 43.51 -23.78
CA GLU C 25 5.99 43.18 -22.99
C GLU C 25 5.19 42.08 -23.68
N TRP C 26 5.08 42.10 -25.01
CA TRP C 26 4.30 41.04 -25.64
C TRP C 26 4.97 39.68 -25.52
N ALA C 27 6.30 39.64 -25.69
CA ALA C 27 7.02 38.38 -25.57
C ALA C 27 6.71 37.78 -24.20
N CYS C 28 6.77 38.63 -23.17
CA CYS C 28 6.46 38.20 -21.81
C CYS C 28 5.06 37.67 -21.70
N VAL C 29 4.09 38.48 -22.15
CA VAL C 29 2.68 38.09 -22.13
C VAL C 29 2.35 36.83 -22.93
N LEU C 30 2.79 36.78 -24.19
CA LEU C 30 2.49 35.60 -24.99
C LEU C 30 3.11 34.38 -24.38
N PHE C 31 4.28 34.52 -23.77
CA PHE C 31 4.87 33.34 -23.15
C PHE C 31 4.00 32.84 -22.00
N HIS C 32 3.52 33.73 -21.15
CA HIS C 32 2.69 33.27 -20.05
C HIS C 32 1.29 32.88 -20.49
N THR C 33 0.81 33.52 -21.55
CA THR C 33 -0.52 33.24 -22.01
C THR C 33 -0.65 31.92 -22.70
N SER C 34 0.28 31.61 -23.59
CA SER C 34 0.19 30.35 -24.34
C SER C 34 1.52 29.55 -24.47
N GLY C 35 2.58 29.99 -23.81
CA GLY C 35 3.85 29.29 -23.95
C GLY C 35 4.27 29.28 -25.41
N TYR C 36 3.92 30.32 -26.15
CA TYR C 36 4.30 30.44 -27.55
C TYR C 36 3.76 29.33 -28.44
N ASP C 37 2.69 28.67 -27.99
CA ASP C 37 2.08 27.59 -28.75
C ASP C 37 0.94 28.12 -29.63
N THR C 38 1.15 28.12 -30.95
CA THR C 38 0.14 28.60 -31.87
C THR C 38 -1.12 27.75 -31.87
N GLN C 39 -1.04 26.52 -31.38
CA GLN C 39 -2.23 25.70 -31.38
C GLN C 39 -2.84 25.49 -30.02
N ALA C 40 -2.44 26.33 -29.08
CA ALA C 40 -2.96 26.25 -27.71
C ALA C 40 -4.46 26.46 -27.70
N VAL C 41 -5.16 25.63 -26.92
CA VAL C 41 -6.60 25.67 -26.77
C VAL C 41 -6.90 25.48 -25.30
N VAL C 42 -7.43 26.50 -24.64
CA VAL C 42 -7.72 26.40 -23.23
C VAL C 42 -9.16 26.72 -22.91
N ASN C 43 -9.81 25.84 -22.16
CA ASN C 43 -11.19 26.09 -21.77
C ASN C 43 -11.15 26.93 -20.52
N ASP C 44 -11.80 28.09 -20.56
CA ASP C 44 -11.83 28.94 -19.38
C ASP C 44 -12.90 28.32 -18.52
N ASN C 45 -14.15 28.68 -18.80
CA ASN C 45 -15.26 28.09 -18.07
C ASN C 45 -16.27 27.59 -19.09
N GLY C 46 -16.97 28.52 -19.75
CA GLY C 46 -17.90 28.11 -20.78
C GLY C 46 -17.19 28.27 -22.12
N SER C 47 -16.38 29.31 -22.21
CA SER C 47 -15.66 29.61 -23.42
C SER C 47 -14.31 28.91 -23.61
N THR C 48 -13.76 29.10 -24.80
CA THR C 48 -12.51 28.52 -25.17
C THR C 48 -11.61 29.61 -25.73
N GLU C 49 -10.33 29.55 -25.41
CA GLU C 49 -9.37 30.53 -25.90
C GLU C 49 -8.43 29.90 -26.93
N TYR C 50 -8.14 30.64 -27.97
CA TYR C 50 -7.36 30.09 -29.06
C TYR C 50 -6.06 30.66 -29.48
N GLY C 51 -5.12 29.76 -29.71
CA GLY C 51 -3.80 30.12 -30.22
C GLY C 51 -2.85 30.86 -29.32
N LEU C 52 -1.85 31.42 -30.00
CA LEU C 52 -0.78 32.20 -29.40
C LEU C 52 -1.28 33.32 -28.50
N PHE C 53 -2.30 34.05 -28.95
CA PHE C 53 -2.85 35.17 -28.18
C PHE C 53 -3.97 34.74 -27.24
N GLN C 54 -4.43 33.50 -27.40
CA GLN C 54 -5.49 32.95 -26.57
C GLN C 54 -6.70 33.87 -26.62
N ILE C 55 -7.20 34.07 -27.83
CA ILE C 55 -8.36 34.90 -28.12
C ILE C 55 -9.62 34.06 -27.83
N SER C 56 -10.59 34.63 -27.13
CA SER C 56 -11.78 33.85 -26.73
C SER C 56 -12.93 33.80 -27.72
N ASP C 57 -13.62 32.67 -27.77
CA ASP C 57 -14.76 32.55 -28.65
C ASP C 57 -16.00 33.23 -28.00
N ARG C 58 -15.87 33.73 -26.78
CA ARG C 58 -17.03 34.36 -26.18
C ARG C 58 -17.46 35.62 -26.94
N PHE C 59 -16.50 36.48 -27.29
CA PHE C 59 -16.84 37.71 -27.99
C PHE C 59 -16.01 37.97 -29.23
N TRP C 60 -14.80 37.44 -29.26
CA TRP C 60 -13.89 37.74 -30.35
C TRP C 60 -13.87 36.90 -31.63
N CYS C 61 -13.84 35.59 -31.52
CA CYS C 61 -13.84 34.77 -32.74
C CYS C 61 -15.04 33.84 -32.70
N LYS C 62 -15.39 33.31 -33.86
CA LYS C 62 -16.52 32.39 -34.00
C LYS C 62 -16.04 30.94 -33.95
N SER C 63 -16.58 30.17 -33.01
CA SER C 63 -16.22 28.77 -32.88
C SER C 63 -17.51 27.99 -33.05
N SER C 64 -17.40 26.71 -33.37
CA SER C 64 -18.58 25.87 -33.55
C SER C 64 -19.48 25.82 -32.30
N GLU C 65 -18.87 25.97 -31.13
CA GLU C 65 -19.59 25.92 -29.86
C GLU C 65 -20.60 27.06 -29.73
N PHE C 66 -20.18 28.28 -30.07
CA PHE C 66 -21.04 29.47 -29.99
C PHE C 66 -21.09 30.14 -31.37
N PRO C 67 -21.85 29.58 -32.33
CA PRO C 67 -21.89 30.23 -33.64
C PRO C 67 -22.62 31.58 -33.64
N GLU C 68 -23.23 31.92 -32.50
CA GLU C 68 -23.98 33.16 -32.36
C GLU C 68 -23.28 34.35 -31.70
N SER C 69 -22.21 34.11 -30.94
CA SER C 69 -21.52 35.22 -30.26
C SER C 69 -21.09 36.32 -31.20
N GLU C 70 -20.78 37.48 -30.63
CA GLU C 70 -20.40 38.64 -31.40
C GLU C 70 -19.34 38.51 -32.47
N ASN C 71 -18.40 37.58 -32.27
CA ASN C 71 -17.32 37.41 -33.24
C ASN C 71 -16.85 38.79 -33.71
N ILE C 72 -16.55 39.67 -32.75
CA ILE C 72 -16.08 41.01 -33.05
C ILE C 72 -14.95 41.02 -34.05
N CYS C 73 -14.07 40.03 -34.00
CA CYS C 73 -12.95 40.01 -34.94
C CYS C 73 -13.38 39.52 -36.34
N GLY C 74 -14.59 39.01 -36.47
CA GLY C 74 -15.04 38.51 -37.75
C GLY C 74 -14.18 37.38 -38.32
N ILE C 75 -13.91 36.35 -37.53
CA ILE C 75 -13.12 35.22 -38.00
C ILE C 75 -13.44 33.97 -37.22
N SER C 76 -13.15 32.84 -37.85
CA SER C 76 -13.38 31.57 -37.20
C SER C 76 -12.25 31.42 -36.22
N CYS C 77 -12.55 30.88 -35.05
CA CYS C 77 -11.50 30.67 -34.10
C CYS C 77 -10.44 29.71 -34.68
N ASP C 78 -10.77 28.94 -35.72
CA ASP C 78 -9.79 28.00 -36.28
C ASP C 78 -8.67 28.73 -37.00
N LYS C 79 -8.91 29.99 -37.35
CA LYS C 79 -7.91 30.80 -38.03
C LYS C 79 -6.87 31.27 -37.02
N LEU C 80 -7.12 31.00 -35.74
CA LEU C 80 -6.18 31.40 -34.70
C LEU C 80 -5.45 30.18 -34.20
N LEU C 81 -5.51 29.10 -34.95
CA LEU C 81 -4.82 27.86 -34.55
C LEU C 81 -3.84 27.40 -35.61
N ASP C 82 -3.48 28.31 -36.52
CA ASP C 82 -2.52 28.00 -37.56
C ASP C 82 -1.27 28.82 -37.39
N ASP C 83 -0.31 28.64 -38.27
CA ASP C 83 0.95 29.35 -38.16
C ASP C 83 1.02 30.69 -38.85
N GLU C 84 -0.06 31.13 -39.46
CA GLU C 84 -0.10 32.44 -40.12
C GLU C 84 -0.70 33.45 -39.09
N LEU C 85 0.17 34.28 -38.52
CA LEU C 85 -0.20 35.23 -37.47
C LEU C 85 -0.84 36.58 -37.79
N ASP C 86 -0.91 36.97 -39.06
CA ASP C 86 -1.49 38.26 -39.35
C ASP C 86 -2.91 38.46 -38.85
N ASP C 87 -3.74 37.42 -38.90
CA ASP C 87 -5.09 37.61 -38.40
C ASP C 87 -5.16 37.55 -36.88
N ASP C 88 -4.28 36.78 -36.25
CA ASP C 88 -4.26 36.72 -34.77
C ASP C 88 -3.89 38.13 -34.34
N ILE C 89 -2.90 38.70 -35.00
CA ILE C 89 -2.44 40.03 -34.69
C ILE C 89 -3.54 41.08 -34.90
N ALA C 90 -4.19 41.06 -36.06
CA ALA C 90 -5.25 42.04 -36.30
C ALA C 90 -6.35 41.92 -35.25
N CYS C 91 -6.66 40.70 -34.82
CA CYS C 91 -7.68 40.51 -33.82
C CYS C 91 -7.16 41.05 -32.46
N ALA C 92 -5.92 40.73 -32.14
CA ALA C 92 -5.38 41.22 -30.87
C ALA C 92 -5.47 42.75 -30.83
N LYS C 93 -5.21 43.40 -31.96
CA LYS C 93 -5.27 44.86 -32.02
C LYS C 93 -6.68 45.38 -31.69
N LYS C 94 -7.70 44.67 -32.16
CA LYS C 94 -9.06 45.09 -31.91
C LYS C 94 -9.37 44.97 -30.43
N ILE C 95 -8.92 43.88 -29.81
CA ILE C 95 -9.14 43.67 -28.40
C ILE C 95 -8.40 44.80 -27.66
N LEU C 96 -7.21 45.15 -28.15
CA LEU C 96 -6.47 46.22 -27.51
C LEU C 96 -7.20 47.56 -27.58
N ALA C 97 -7.81 47.86 -28.72
CA ALA C 97 -8.51 49.13 -28.87
C ALA C 97 -9.86 49.19 -28.19
N ILE C 98 -10.49 48.05 -28.01
CA ILE C 98 -11.82 48.04 -27.41
C ILE C 98 -11.76 47.78 -25.95
N LYS C 99 -10.96 46.80 -25.57
CA LYS C 99 -10.83 46.43 -24.18
C LYS C 99 -9.47 46.78 -23.57
N GLY C 100 -8.43 46.81 -24.39
CA GLY C 100 -7.12 47.11 -23.85
C GLY C 100 -6.33 45.90 -23.32
N ILE C 101 -5.05 46.14 -23.01
CA ILE C 101 -4.14 45.14 -22.52
C ILE C 101 -4.63 44.26 -21.38
N ASP C 102 -5.50 44.78 -20.52
CA ASP C 102 -5.93 43.92 -19.44
C ASP C 102 -6.75 42.72 -19.86
N TYR C 103 -7.02 42.57 -21.17
CA TYR C 103 -7.71 41.35 -21.61
C TYR C 103 -6.74 40.17 -21.30
N TRP C 104 -5.44 40.42 -21.43
CA TRP C 104 -4.43 39.38 -21.14
C TRP C 104 -4.14 39.46 -19.64
N LYS C 105 -4.78 38.60 -18.86
CA LYS C 105 -4.59 38.66 -17.42
C LYS C 105 -3.16 38.54 -16.93
N ALA C 106 -2.29 37.89 -17.71
CA ALA C 106 -0.89 37.71 -17.32
C ALA C 106 -0.06 38.99 -17.29
N TYR C 107 -0.48 40.00 -18.03
CA TYR C 107 0.31 41.22 -18.11
C TYR C 107 0.63 41.95 -16.81
N LYS C 108 -0.38 42.33 -16.02
CA LYS C 108 -0.10 43.03 -14.76
C LYS C 108 0.88 42.29 -13.86
N PRO C 109 0.55 41.05 -13.47
CA PRO C 109 1.44 40.26 -12.59
C PRO C 109 2.82 39.84 -13.10
N MET C 110 2.87 39.25 -14.29
CA MET C 110 4.11 38.73 -14.89
C MET C 110 4.95 39.69 -15.73
N CYS C 111 4.37 40.78 -16.23
CA CYS C 111 5.13 41.62 -17.13
C CYS C 111 5.24 43.08 -16.76
N SER C 112 5.21 43.40 -15.48
CA SER C 112 5.31 44.79 -15.05
C SER C 112 6.73 45.22 -14.73
N GLU C 113 7.63 44.25 -14.59
CA GLU C 113 9.01 44.59 -14.31
C GLU C 113 9.91 43.59 -15.03
N LYS C 114 11.21 43.79 -14.91
CA LYS C 114 12.22 42.91 -15.52
C LYS C 114 11.81 42.50 -16.91
N LEU C 115 11.73 43.48 -17.80
CA LEU C 115 11.34 43.25 -19.18
C LEU C 115 12.49 42.98 -20.13
N GLU C 116 13.67 43.47 -19.82
CA GLU C 116 14.80 43.31 -20.69
C GLU C 116 15.11 41.85 -21.03
N GLN C 117 14.72 40.92 -20.16
CA GLN C 117 14.95 39.48 -20.35
C GLN C 117 14.17 38.95 -21.54
N TRP C 118 13.04 39.58 -21.83
CA TRP C 118 12.18 39.18 -22.92
C TRP C 118 12.64 39.63 -24.31
N ARG C 119 13.77 40.32 -24.37
CA ARG C 119 14.30 40.80 -25.63
C ARG C 119 14.86 39.65 -26.47
N CYS C 120 14.70 39.72 -27.77
CA CYS C 120 15.26 38.71 -28.66
C CYS C 120 16.63 39.27 -29.01
N GLU C 121 17.70 38.59 -28.61
CA GLU C 121 19.03 39.13 -28.90
C GLU C 121 19.51 38.94 -30.33
N LYS C 122 19.02 37.88 -30.98
CA LYS C 122 19.30 37.52 -32.37
C LYS C 122 18.79 36.08 -32.54
N PRO C 123 18.04 35.80 -33.64
CA PRO C 123 17.54 34.42 -33.83
C PRO C 123 18.42 33.45 -34.63
N LEU D 15 33.26 9.64 14.15
CA LEU D 15 32.98 10.17 12.78
C LEU D 15 33.06 11.69 12.60
N THR D 16 33.76 12.09 11.54
CA THR D 16 33.93 13.50 11.18
C THR D 16 32.75 13.88 10.31
N ALA D 17 32.52 15.17 10.13
CA ALA D 17 31.43 15.62 9.27
C ALA D 17 31.85 15.39 7.83
N CYS D 18 30.89 15.30 6.92
CA CYS D 18 31.21 15.10 5.51
C CYS D 18 31.85 16.38 4.99
N PRO D 19 32.66 16.25 3.94
CA PRO D 19 33.33 17.42 3.34
C PRO D 19 32.26 18.28 2.68
N GLU D 20 32.39 19.60 2.81
CA GLU D 20 31.41 20.52 2.22
C GLU D 20 31.01 20.10 0.82
N GLU D 21 31.92 19.45 0.14
CA GLU D 21 31.65 19.00 -1.22
C GLU D 21 32.01 17.54 -1.34
N SER D 22 31.00 16.71 -1.56
CA SER D 22 31.24 15.28 -1.67
C SER D 22 32.30 14.94 -2.67
N PRO D 23 33.24 14.07 -2.28
CA PRO D 23 34.33 13.65 -3.15
C PRO D 23 33.88 12.65 -4.21
N LEU D 24 32.63 12.22 -4.11
CA LEU D 24 32.11 11.22 -5.05
C LEU D 24 31.52 11.77 -6.34
N LEU D 25 31.16 13.04 -6.36
CA LEU D 25 30.56 13.65 -7.54
C LEU D 25 31.27 13.32 -8.85
N VAL D 26 30.47 13.15 -9.90
CA VAL D 26 31.01 12.81 -11.21
C VAL D 26 30.75 13.88 -12.29
N GLY D 27 29.84 14.80 -12.01
CA GLY D 27 29.51 15.85 -12.97
C GLY D 27 28.40 15.46 -13.93
N PRO D 28 28.49 15.91 -15.19
CA PRO D 28 27.47 15.59 -16.20
C PRO D 28 27.22 14.10 -16.34
N MET D 29 25.97 13.74 -16.58
CA MET D 29 25.61 12.34 -16.71
C MET D 29 24.71 12.11 -17.90
N LEU D 30 24.75 10.91 -18.43
CA LEU D 30 23.91 10.55 -19.56
C LEU D 30 22.53 10.20 -18.97
N ILE D 31 21.51 10.99 -19.30
CA ILE D 31 20.17 10.74 -18.77
C ILE D 31 19.26 10.38 -19.92
N GLU D 32 18.68 9.19 -19.90
CA GLU D 32 17.79 8.74 -20.99
C GLU D 32 16.60 7.99 -20.43
N PHE D 33 15.49 8.06 -21.16
CA PHE D 33 14.25 7.41 -20.73
C PHE D 33 13.73 6.38 -21.73
N ASN D 34 14.63 5.55 -22.21
CA ASN D 34 14.25 4.54 -23.20
C ASN D 34 14.09 3.14 -22.64
N ILE D 35 15.01 2.73 -21.77
CA ILE D 35 14.96 1.40 -21.17
C ILE D 35 14.09 1.36 -19.91
N PRO D 36 13.13 0.40 -19.84
CA PRO D 36 12.24 0.27 -18.67
C PRO D 36 13.07 0.02 -17.43
N VAL D 37 12.64 0.57 -16.30
CA VAL D 37 13.41 0.31 -15.09
C VAL D 37 12.72 -0.77 -14.29
N ASP D 38 13.52 -1.57 -13.60
CA ASP D 38 13.00 -2.63 -12.76
C ASP D 38 13.33 -2.17 -11.36
N LEU D 39 12.31 -1.75 -10.63
CA LEU D 39 12.52 -1.28 -9.27
C LEU D 39 13.25 -2.33 -8.41
N LYS D 40 13.04 -3.61 -8.72
CA LYS D 40 13.70 -4.68 -7.99
C LYS D 40 15.19 -4.53 -8.21
N LEU D 41 15.60 -4.28 -9.46
CA LEU D 41 17.00 -4.08 -9.78
C LEU D 41 17.55 -2.82 -9.11
N VAL D 42 16.81 -1.73 -9.23
CA VAL D 42 17.18 -0.45 -8.61
C VAL D 42 17.41 -0.65 -7.12
N GLU D 43 16.53 -1.43 -6.53
CA GLU D 43 16.62 -1.73 -5.12
C GLU D 43 17.92 -2.53 -4.93
N GLN D 44 18.19 -3.42 -5.88
CA GLN D 44 19.38 -4.26 -5.82
C GLN D 44 20.64 -3.43 -5.94
N GLN D 45 20.57 -2.36 -6.73
CA GLN D 45 21.72 -1.49 -6.94
C GLN D 45 21.88 -0.44 -5.85
N ASN D 46 20.97 -0.39 -4.90
CA ASN D 46 21.08 0.60 -3.84
C ASN D 46 20.81 -0.01 -2.49
N PRO D 47 21.59 -1.03 -2.15
CA PRO D 47 21.50 -1.78 -0.90
C PRO D 47 21.45 -0.93 0.37
N LYS D 48 22.17 0.19 0.39
CA LYS D 48 22.20 1.06 1.56
C LYS D 48 20.89 1.79 1.83
N VAL D 49 20.02 1.88 0.83
CA VAL D 49 18.75 2.54 1.01
C VAL D 49 17.80 1.62 1.79
N LYS D 50 17.25 2.09 2.89
CA LYS D 50 16.37 1.27 3.70
C LYS D 50 14.90 1.56 3.55
N LEU D 51 14.10 0.61 4.05
CA LEU D 51 12.64 0.67 4.03
C LEU D 51 12.11 2.09 4.20
N GLY D 52 11.26 2.51 3.27
CA GLY D 52 10.68 3.84 3.30
C GLY D 52 11.40 4.82 2.40
N GLY D 53 12.53 4.39 1.85
CA GLY D 53 13.33 5.24 0.99
C GLY D 53 14.22 6.19 1.78
N ARG D 54 14.87 5.67 2.82
CA ARG D 54 15.74 6.47 3.67
C ARG D 54 17.18 6.04 3.52
N TYR D 55 18.08 7.02 3.54
CA TYR D 55 19.48 6.73 3.44
C TYR D 55 20.22 7.67 4.36
N THR D 56 21.34 7.18 4.88
CA THR D 56 22.18 7.96 5.77
C THR D 56 23.57 7.49 5.46
N PRO D 57 24.51 8.42 5.28
CA PRO D 57 25.89 8.08 4.98
C PRO D 57 26.52 7.28 6.14
N MET D 58 27.33 6.29 5.82
CA MET D 58 27.98 5.50 6.85
C MET D 58 29.48 5.78 6.86
N ASP D 59 29.89 6.93 6.34
CA ASP D 59 31.30 7.30 6.28
C ASP D 59 31.50 8.56 7.08
N CYS D 60 30.54 9.46 6.98
CA CYS D 60 30.62 10.73 7.68
C CYS D 60 29.25 11.16 8.18
N ILE D 61 29.22 12.29 8.86
CA ILE D 61 27.97 12.81 9.36
C ILE D 61 27.60 13.99 8.47
N SER D 62 26.42 13.93 7.89
CA SER D 62 25.95 14.97 7.00
C SER D 62 25.03 15.94 7.73
N PRO D 63 25.23 17.25 7.51
CA PRO D 63 24.44 18.32 8.13
C PRO D 63 23.11 18.51 7.42
N HIS D 64 23.00 17.90 6.24
CA HIS D 64 21.78 18.00 5.43
C HIS D 64 20.79 16.88 5.68
N LYS D 65 19.73 17.18 6.42
CA LYS D 65 18.71 16.16 6.67
C LYS D 65 17.56 16.55 5.72
N VAL D 66 17.65 16.00 4.51
CA VAL D 66 16.71 16.29 3.45
C VAL D 66 15.54 15.36 3.22
N ALA D 67 14.35 15.94 3.24
CA ALA D 67 13.15 15.18 2.94
C ALA D 67 12.83 15.64 1.50
N ILE D 68 12.64 14.70 0.59
CA ILE D 68 12.33 15.05 -0.78
C ILE D 68 10.85 14.77 -0.97
N ILE D 69 10.12 15.81 -1.30
CA ILE D 69 8.69 15.74 -1.47
C ILE D 69 8.26 15.80 -2.95
N ILE D 70 7.53 14.79 -3.38
CA ILE D 70 7.08 14.70 -4.74
C ILE D 70 5.56 14.72 -4.88
N PRO D 71 4.99 15.80 -5.44
CA PRO D 71 3.53 15.83 -5.59
C PRO D 71 3.21 14.68 -6.54
N PHE D 72 2.10 13.98 -6.35
CA PHE D 72 1.85 12.80 -7.17
C PHE D 72 0.41 12.36 -7.38
N ARG D 73 0.16 11.83 -8.57
CA ARG D 73 -1.10 11.22 -8.98
C ARG D 73 -0.94 10.65 -10.41
N ASN D 74 -1.11 9.33 -10.54
CA ASN D 74 -0.99 8.66 -11.82
C ASN D 74 0.31 8.92 -12.57
N ARG D 75 1.43 8.94 -11.86
CA ARG D 75 2.70 9.16 -12.54
C ARG D 75 3.72 8.09 -12.20
N GLN D 76 3.25 6.87 -11.97
CA GLN D 76 4.15 5.76 -11.61
C GLN D 76 5.36 5.60 -12.54
N GLU D 77 5.12 5.61 -13.86
CA GLU D 77 6.20 5.44 -14.83
C GLU D 77 7.27 6.48 -14.69
N HIS D 78 6.88 7.74 -14.50
CA HIS D 78 7.89 8.78 -14.31
C HIS D 78 8.62 8.49 -12.97
N LEU D 79 7.87 8.03 -11.96
CA LEU D 79 8.44 7.77 -10.63
C LEU D 79 9.57 6.73 -10.68
N LYS D 80 9.40 5.72 -11.52
CA LYS D 80 10.43 4.70 -11.64
C LYS D 80 11.71 5.30 -12.19
N TYR D 81 11.57 6.21 -13.15
CA TYR D 81 12.75 6.83 -13.72
C TYR D 81 13.37 7.75 -12.68
N TRP D 82 12.54 8.43 -11.90
CA TRP D 82 13.06 9.31 -10.87
C TRP D 82 13.90 8.51 -9.84
N LEU D 83 13.34 7.42 -9.32
CA LEU D 83 14.06 6.59 -8.36
C LEU D 83 15.29 5.97 -9.02
N TYR D 84 15.11 5.41 -10.21
CA TYR D 84 16.25 4.83 -10.93
C TYR D 84 17.46 5.77 -10.94
N TYR D 85 17.21 7.05 -11.20
CA TYR D 85 18.27 8.04 -11.28
C TYR D 85 18.64 8.76 -10.01
N LEU D 86 17.65 9.27 -9.29
CA LEU D 86 17.96 10.05 -8.12
C LEU D 86 18.67 9.36 -6.99
N HIS D 87 18.27 8.15 -6.65
CA HIS D 87 18.91 7.43 -5.55
C HIS D 87 20.42 7.37 -5.65
N PRO D 88 20.96 6.93 -6.80
CA PRO D 88 22.42 6.90 -6.84
C PRO D 88 23.03 8.30 -6.62
N ILE D 89 22.40 9.31 -7.22
CA ILE D 89 22.86 10.69 -7.11
C ILE D 89 22.76 11.29 -5.70
N LEU D 90 21.66 11.05 -5.01
CA LEU D 90 21.50 11.60 -3.68
C LEU D 90 22.51 10.96 -2.75
N GLN D 91 22.87 9.71 -3.02
CA GLN D 91 23.87 9.04 -2.18
C GLN D 91 25.24 9.61 -2.44
N ARG D 92 25.56 9.81 -3.72
CA ARG D 92 26.85 10.37 -4.07
C ARG D 92 26.97 11.74 -3.40
N GLN D 93 25.83 12.43 -3.23
CA GLN D 93 25.87 13.76 -2.60
C GLN D 93 25.94 13.67 -1.07
N GLN D 94 26.09 12.48 -0.53
CA GLN D 94 26.22 12.33 0.93
C GLN D 94 25.14 13.08 1.70
N LEU D 95 23.89 12.79 1.38
CA LEU D 95 22.80 13.47 2.05
C LEU D 95 22.13 12.48 2.95
N ASP D 96 21.48 12.97 4.00
CA ASP D 96 20.77 12.08 4.91
C ASP D 96 19.35 12.35 4.50
N TYR D 97 18.84 11.54 3.57
CA TYR D 97 17.50 11.78 3.00
C TYR D 97 16.39 10.76 3.10
N GLY D 98 15.18 11.28 2.87
CA GLY D 98 13.97 10.47 2.86
C GLY D 98 13.15 10.85 1.64
N ILE D 99 12.69 9.85 0.89
CA ILE D 99 11.88 10.07 -0.29
C ILE D 99 10.40 9.94 0.03
N TYR D 100 9.63 11.02 -0.16
CA TYR D 100 8.20 11.00 0.11
C TYR D 100 7.37 11.31 -1.15
N VAL D 101 6.38 10.48 -1.42
CA VAL D 101 5.53 10.69 -2.56
C VAL D 101 4.12 10.98 -2.05
N ILE D 102 3.69 12.23 -2.19
CA ILE D 102 2.37 12.62 -1.72
C ILE D 102 1.38 12.40 -2.83
N ASN D 103 0.66 11.27 -2.74
CA ASN D 103 -0.34 10.85 -3.71
C ASN D 103 -1.73 11.42 -3.41
N GLN D 104 -2.25 12.25 -4.32
CA GLN D 104 -3.58 12.82 -4.12
C GLN D 104 -4.64 11.78 -4.40
N ALA D 105 -5.50 11.56 -3.41
CA ALA D 105 -6.59 10.60 -3.57
C ALA D 105 -7.69 11.28 -4.37
N GLY D 106 -8.52 10.46 -5.00
CA GLY D 106 -9.62 10.98 -5.78
C GLY D 106 -9.34 11.19 -7.25
N GLU D 107 -10.24 11.92 -7.89
CA GLU D 107 -10.13 12.19 -9.31
C GLU D 107 -10.52 13.63 -9.66
N SER D 108 -10.49 14.53 -8.67
CA SER D 108 -10.82 15.92 -8.92
C SER D 108 -9.51 16.69 -9.22
N MET D 109 -9.64 17.98 -9.56
CA MET D 109 -8.50 18.83 -9.92
C MET D 109 -7.24 18.63 -9.08
N PHE D 110 -6.09 18.55 -9.74
CA PHE D 110 -4.84 18.36 -9.06
C PHE D 110 -4.46 19.61 -8.28
N ASN D 111 -3.73 19.43 -7.18
CA ASN D 111 -3.30 20.56 -6.37
C ASN D 111 -1.87 20.38 -5.90
N ARG D 112 -0.94 20.68 -6.79
CA ARG D 112 0.49 20.56 -6.51
C ARG D 112 1.00 21.15 -5.19
N ALA D 113 0.88 22.46 -5.01
CA ALA D 113 1.37 23.12 -3.80
C ALA D 113 0.78 22.56 -2.51
N LYS D 114 -0.50 22.19 -2.54
CA LYS D 114 -1.13 21.64 -1.34
C LYS D 114 -0.44 20.32 -0.99
N LEU D 115 -0.21 19.48 -1.99
CA LEU D 115 0.45 18.20 -1.74
C LEU D 115 1.86 18.46 -1.21
N LEU D 116 2.48 19.55 -1.62
CA LEU D 116 3.81 19.83 -1.11
C LEU D 116 3.70 20.19 0.39
N ASN D 117 2.66 20.95 0.75
CA ASN D 117 2.45 21.32 2.14
C ASN D 117 2.34 20.05 2.98
N VAL D 118 1.47 19.15 2.53
CA VAL D 118 1.26 17.88 3.19
C VAL D 118 2.57 17.14 3.38
N GLY D 119 3.37 17.03 2.33
CA GLY D 119 4.63 16.32 2.45
C GLY D 119 5.51 16.91 3.54
N PHE D 120 5.46 18.23 3.68
CA PHE D 120 6.25 18.90 4.69
C PHE D 120 5.87 18.35 6.07
N LYS D 121 4.58 18.29 6.33
CA LYS D 121 4.12 17.81 7.63
C LYS D 121 4.32 16.33 7.86
N GLU D 122 4.04 15.51 6.85
CA GLU D 122 4.18 14.07 7.00
C GLU D 122 5.60 13.68 7.26
N ALA D 123 6.53 14.26 6.50
CA ALA D 123 7.95 13.96 6.65
C ALA D 123 8.45 14.22 8.06
N LEU D 124 8.16 15.42 8.57
CA LEU D 124 8.57 15.79 9.93
C LEU D 124 8.17 14.72 10.95
N LYS D 125 7.04 14.05 10.73
CA LYS D 125 6.57 12.97 11.60
C LYS D 125 7.54 11.79 11.67
N ASP D 126 8.31 11.61 10.61
CA ASP D 126 9.28 10.52 10.50
C ASP D 126 10.63 10.81 11.09
N TYR D 127 11.10 12.03 10.91
CA TYR D 127 12.46 12.35 11.30
C TYR D 127 12.62 13.85 11.40
N ASP D 128 13.70 14.29 12.03
CA ASP D 128 13.93 15.72 12.18
C ASP D 128 14.71 16.28 10.99
N TYR D 129 14.00 16.44 9.88
CA TYR D 129 14.63 16.97 8.68
C TYR D 129 14.77 18.47 8.89
N ASN D 130 15.83 19.05 8.32
CA ASN D 130 16.03 20.47 8.47
C ASN D 130 16.07 21.11 7.07
N CYS D 131 15.74 20.31 6.05
CA CYS D 131 15.77 20.77 4.67
C CYS D 131 14.73 20.04 3.83
N PHE D 132 14.04 20.79 2.97
CA PHE D 132 13.01 20.25 2.13
C PHE D 132 13.24 20.50 0.65
N VAL D 133 13.31 19.42 -0.11
CA VAL D 133 13.49 19.52 -1.54
C VAL D 133 12.14 19.12 -2.15
N PHE D 134 11.50 20.04 -2.86
CA PHE D 134 10.22 19.74 -3.46
C PHE D 134 10.49 19.49 -4.95
N SER D 135 10.27 18.26 -5.37
CA SER D 135 10.53 17.91 -6.75
C SER D 135 9.36 17.26 -7.45
N ASP D 136 9.10 17.71 -8.67
CA ASP D 136 8.06 17.07 -9.45
C ASP D 136 8.67 15.70 -9.81
N VAL D 137 7.84 14.71 -10.18
CA VAL D 137 8.31 13.36 -10.51
C VAL D 137 9.05 13.19 -11.81
N ASP D 138 8.98 14.19 -12.68
CA ASP D 138 9.52 14.02 -14.01
C ASP D 138 10.77 14.79 -14.32
N LEU D 139 11.38 15.38 -13.32
CA LEU D 139 12.58 16.15 -13.54
C LEU D 139 13.78 15.41 -13.00
N ILE D 140 14.83 15.31 -13.83
CA ILE D 140 16.05 14.64 -13.42
C ILE D 140 17.24 15.53 -13.70
N PRO D 141 18.10 15.74 -12.67
CA PRO D 141 19.30 16.58 -12.81
C PRO D 141 20.34 15.87 -13.67
N MET D 142 21.05 16.64 -14.50
CA MET D 142 22.06 16.09 -15.40
C MET D 142 23.48 16.27 -14.89
N ASN D 143 23.63 16.85 -13.70
CA ASN D 143 24.96 17.07 -13.15
C ASN D 143 24.86 16.94 -11.64
N ASP D 144 25.56 15.94 -11.11
CA ASP D 144 25.47 15.67 -9.68
C ASP D 144 26.10 16.75 -8.81
N HIS D 145 26.58 17.82 -9.42
CA HIS D 145 27.12 18.94 -8.64
C HIS D 145 25.96 19.88 -8.23
N ASN D 146 24.78 19.60 -8.79
CA ASN D 146 23.58 20.36 -8.51
C ASN D 146 23.01 19.72 -7.24
N THR D 147 23.58 20.09 -6.12
CA THR D 147 23.20 19.52 -4.84
C THR D 147 21.75 19.67 -4.41
N TYR D 148 21.10 18.55 -4.05
CA TYR D 148 19.71 18.58 -3.61
C TYR D 148 19.66 18.83 -2.10
N ARG D 149 20.16 20.00 -1.69
CA ARG D 149 20.19 20.39 -0.28
C ARG D 149 19.78 21.85 -0.14
N CYS D 150 19.77 22.34 1.09
CA CYS D 150 19.40 23.73 1.36
C CYS D 150 20.60 24.67 1.39
N PHE D 151 20.33 25.97 1.18
CA PHE D 151 21.36 27.01 1.19
C PHE D 151 20.94 28.18 2.09
N SER D 152 21.75 29.25 2.14
CA SER D 152 21.43 30.39 3.00
C SER D 152 20.18 31.15 2.55
N GLN D 153 19.76 30.89 1.32
CA GLN D 153 18.55 31.50 0.73
C GLN D 153 17.74 30.37 0.03
N PRO D 154 16.46 30.63 -0.29
CA PRO D 154 15.65 29.60 -0.95
C PRO D 154 16.38 29.20 -2.20
N ARG D 155 16.50 27.90 -2.44
CA ARG D 155 17.23 27.45 -3.63
C ARG D 155 16.37 26.90 -4.76
N HIS D 156 16.59 27.42 -5.96
CA HIS D 156 15.87 26.92 -7.12
C HIS D 156 16.85 25.94 -7.76
N ILE D 157 16.44 24.67 -7.83
CA ILE D 157 17.31 23.63 -8.39
C ILE D 157 17.21 23.33 -9.89
N SER D 158 15.99 23.12 -10.40
CA SER D 158 15.85 22.83 -11.83
C SER D 158 15.93 24.13 -12.61
N VAL D 159 17.15 24.63 -12.73
CA VAL D 159 17.40 25.89 -13.42
C VAL D 159 17.29 25.87 -14.95
N ALA D 160 17.95 24.89 -15.59
CA ALA D 160 17.98 24.78 -17.05
C ALA D 160 17.43 23.48 -17.58
N MET D 161 16.11 23.44 -17.75
CA MET D 161 15.38 22.27 -18.23
C MET D 161 15.49 22.14 -19.73
N ASP D 162 15.69 20.93 -20.24
CA ASP D 162 15.81 20.75 -21.67
C ASP D 162 14.58 21.31 -22.38
N LYS D 163 13.44 21.27 -21.68
CA LYS D 163 12.19 21.77 -22.25
C LYS D 163 12.21 23.28 -22.57
N PHE D 164 13.13 24.00 -21.94
CA PHE D 164 13.26 25.43 -22.16
C PHE D 164 14.64 25.77 -22.76
N GLY D 165 15.16 24.86 -23.58
CA GLY D 165 16.44 25.09 -24.20
C GLY D 165 17.55 25.41 -23.21
N PHE D 166 17.59 24.65 -22.12
CA PHE D 166 18.58 24.81 -21.09
C PHE D 166 18.81 26.20 -20.57
N SER D 167 17.73 26.97 -20.56
CA SER D 167 17.76 28.33 -20.02
C SER D 167 16.55 28.41 -19.11
N LEU D 168 16.62 29.34 -18.18
CA LEU D 168 15.56 29.62 -17.24
C LEU D 168 14.47 30.25 -18.14
N PRO D 169 13.21 29.79 -18.06
CA PRO D 169 12.19 30.40 -18.92
C PRO D 169 11.95 31.91 -18.67
N TYR D 170 12.18 32.34 -17.44
CA TYR D 170 12.05 33.73 -17.02
C TYR D 170 12.70 33.79 -15.67
N VAL D 171 13.34 34.91 -15.40
CA VAL D 171 14.10 35.08 -14.19
C VAL D 171 13.34 34.87 -12.90
N GLN D 172 12.02 35.02 -12.93
CA GLN D 172 11.21 34.83 -11.71
C GLN D 172 10.67 33.40 -11.59
N TYR D 173 11.13 32.51 -12.46
CA TYR D 173 10.63 31.15 -12.42
C TYR D 173 11.15 30.38 -11.19
N PHE D 174 10.26 29.62 -10.56
CA PHE D 174 10.62 28.84 -9.38
C PHE D 174 9.92 27.51 -9.53
N GLY D 175 9.71 27.08 -10.77
CA GLY D 175 9.02 25.82 -11.00
C GLY D 175 9.97 24.66 -11.07
N GLY D 176 9.44 23.44 -10.94
CA GLY D 176 10.25 22.23 -11.03
C GLY D 176 10.74 21.60 -9.74
N VAL D 177 11.98 21.93 -9.38
CA VAL D 177 12.63 21.40 -8.19
C VAL D 177 13.20 22.58 -7.40
N SER D 178 12.85 22.67 -6.11
CA SER D 178 13.34 23.73 -5.24
C SER D 178 13.67 23.24 -3.83
N ALA D 179 14.51 23.97 -3.13
CA ALA D 179 14.88 23.57 -1.79
C ALA D 179 14.77 24.73 -0.81
N LEU D 180 13.99 24.52 0.24
CA LEU D 180 13.83 25.52 1.28
C LEU D 180 14.15 24.90 2.63
N SER D 181 14.94 25.61 3.43
CA SER D 181 15.26 25.14 4.76
C SER D 181 13.95 25.25 5.54
N LYS D 182 13.81 24.53 6.65
CA LYS D 182 12.60 24.60 7.45
C LYS D 182 12.26 26.06 7.79
N GLN D 183 13.27 26.83 8.19
CA GLN D 183 13.08 28.24 8.51
C GLN D 183 12.48 28.98 7.30
N GLN D 184 13.18 28.94 6.18
CA GLN D 184 12.70 29.60 4.96
C GLN D 184 11.25 29.23 4.66
N PHE D 185 10.96 27.93 4.71
CA PHE D 185 9.61 27.44 4.45
C PHE D 185 8.61 28.00 5.46
N LEU D 186 9.03 28.15 6.71
CA LEU D 186 8.15 28.66 7.75
C LEU D 186 7.83 30.14 7.61
N SER D 187 8.84 30.95 7.31
CA SER D 187 8.64 32.39 7.17
C SER D 187 7.60 32.78 6.11
N ILE D 188 7.37 31.91 5.14
CA ILE D 188 6.38 32.23 4.12
C ILE D 188 5.05 31.50 4.35
N ASN D 189 4.87 30.94 5.54
CA ASN D 189 3.64 30.21 5.83
C ASN D 189 3.53 29.10 4.79
N GLY D 190 4.67 28.51 4.48
CA GLY D 190 4.70 27.42 3.52
C GLY D 190 4.15 27.84 2.18
N PHE D 191 3.54 26.90 1.49
CA PHE D 191 2.98 27.16 0.17
C PHE D 191 1.46 27.30 0.25
N PRO D 192 0.85 27.89 -0.79
CA PRO D 192 -0.60 28.09 -0.84
C PRO D 192 -1.38 26.77 -1.05
N ASN D 193 -2.63 26.75 -0.60
CA ASN D 193 -3.47 25.58 -0.77
C ASN D 193 -4.59 25.86 -1.78
N ASN D 194 -4.75 27.12 -2.17
CA ASN D 194 -5.83 27.48 -3.05
C ASN D 194 -5.63 27.48 -4.57
N TYR D 195 -4.54 26.91 -5.05
CA TYR D 195 -4.34 26.85 -6.49
C TYR D 195 -4.73 25.46 -6.96
N TRP D 196 -5.84 25.38 -7.67
CA TRP D 196 -6.31 24.10 -8.19
C TRP D 196 -6.13 24.17 -9.67
N GLY D 197 -5.58 23.12 -10.27
CA GLY D 197 -5.32 23.14 -11.70
C GLY D 197 -3.88 23.58 -11.96
N TRP D 198 -3.48 23.52 -13.22
CA TRP D 198 -2.11 23.86 -13.62
C TRP D 198 -1.69 25.34 -13.55
N GLY D 199 -0.40 25.56 -13.27
CA GLY D 199 0.16 26.90 -13.25
C GLY D 199 -0.15 27.86 -12.14
N GLY D 200 0.73 28.85 -11.99
CA GLY D 200 0.57 29.88 -10.99
C GLY D 200 1.09 29.66 -9.58
N GLU D 201 0.96 28.45 -9.05
CA GLU D 201 1.40 28.20 -7.68
C GLU D 201 2.88 28.47 -7.49
N ASP D 202 3.68 28.14 -8.49
CA ASP D 202 5.11 28.38 -8.40
C ASP D 202 5.43 29.87 -8.44
N ASP D 203 4.66 30.64 -9.20
CA ASP D 203 4.91 32.07 -9.26
C ASP D 203 4.49 32.69 -7.94
N ASP D 204 3.43 32.13 -7.35
CA ASP D 204 2.93 32.59 -6.06
C ASP D 204 4.05 32.39 -5.05
N ILE D 205 4.55 31.15 -4.99
CA ILE D 205 5.63 30.82 -4.07
C ILE D 205 6.78 31.79 -4.28
N TYR D 206 7.13 32.05 -5.52
CA TYR D 206 8.21 33.00 -5.78
C TYR D 206 7.83 34.34 -5.12
N ASN D 207 6.61 34.79 -5.38
CA ASN D 207 6.18 36.05 -4.78
C ASN D 207 6.46 36.06 -3.29
N ARG D 208 5.99 35.03 -2.58
CA ARG D 208 6.18 34.91 -1.13
C ARG D 208 7.61 35.12 -0.69
N LEU D 209 8.53 34.43 -1.32
CA LEU D 209 9.94 34.57 -0.99
C LEU D 209 10.35 36.04 -1.02
N ALA D 210 9.98 36.71 -2.10
CA ALA D 210 10.31 38.12 -2.26
C ALA D 210 9.67 38.93 -1.14
N PHE D 211 8.40 38.67 -0.86
CA PHE D 211 7.70 39.41 0.18
C PHE D 211 8.27 39.16 1.57
N ARG D 212 9.32 38.38 1.66
CA ARG D 212 9.91 38.11 2.96
C ARG D 212 11.41 38.30 2.92
N GLY D 213 11.84 39.30 2.14
CA GLY D 213 13.25 39.63 2.04
C GLY D 213 14.24 38.55 1.66
N MET D 214 13.80 37.51 0.98
CA MET D 214 14.72 36.45 0.57
C MET D 214 14.93 36.54 -0.92
N SER D 215 16.12 36.22 -1.37
CA SER D 215 16.42 36.22 -2.79
C SER D 215 16.39 34.76 -3.21
N VAL D 216 16.59 34.49 -4.49
CA VAL D 216 16.58 33.12 -4.93
C VAL D 216 18.01 32.72 -5.28
N SER D 217 18.44 31.64 -4.65
CA SER D 217 19.76 31.09 -4.87
C SER D 217 19.66 30.06 -5.98
N ARG D 218 20.64 30.04 -6.86
CA ARG D 218 20.61 29.07 -7.95
C ARG D 218 21.99 28.56 -8.33
N PRO D 219 22.07 27.30 -8.78
CA PRO D 219 23.39 26.81 -9.18
C PRO D 219 23.56 27.49 -10.52
N ASN D 220 24.74 27.38 -11.14
CA ASN D 220 24.90 28.04 -12.42
C ASN D 220 24.07 27.30 -13.48
N ALA D 221 23.77 28.00 -14.56
CA ALA D 221 22.95 27.45 -15.63
C ALA D 221 23.44 26.14 -16.22
N VAL D 222 24.74 25.93 -16.26
CA VAL D 222 25.24 24.67 -16.84
C VAL D 222 25.11 23.50 -15.86
N ILE D 223 25.60 23.63 -14.65
CA ILE D 223 25.47 22.51 -13.74
C ILE D 223 24.00 22.32 -13.31
N GLY D 224 23.16 23.33 -13.58
CA GLY D 224 21.76 23.29 -13.24
C GLY D 224 20.88 22.71 -14.36
N LYS D 225 21.49 22.05 -15.34
CA LYS D 225 20.72 21.45 -16.42
C LYS D 225 19.91 20.24 -15.92
N CYS D 226 18.68 20.09 -16.42
CA CYS D 226 17.83 18.96 -16.04
C CYS D 226 17.00 18.54 -17.26
N ARG D 227 16.48 17.33 -17.22
CA ARG D 227 15.64 16.81 -18.30
C ARG D 227 14.28 16.59 -17.67
N MET D 228 13.21 16.83 -18.43
CA MET D 228 11.87 16.55 -17.96
C MET D 228 11.37 15.45 -18.87
N ILE D 229 11.06 14.29 -18.33
CA ILE D 229 10.52 13.20 -19.16
C ILE D 229 9.39 13.85 -19.95
N ARG D 230 9.39 13.74 -21.28
CA ARG D 230 8.31 14.38 -22.03
C ARG D 230 6.96 13.73 -21.81
N HIS D 231 5.94 14.58 -21.62
CA HIS D 231 4.60 14.09 -21.39
C HIS D 231 3.59 15.14 -21.76
N SER D 232 2.36 14.69 -21.97
CA SER D 232 1.26 15.59 -22.27
C SER D 232 0.65 15.89 -20.91
N ARG D 233 -0.20 16.91 -20.81
CA ARG D 233 -0.81 17.23 -19.54
C ARG D 233 -1.88 16.19 -19.15
N ASP D 234 -2.07 16.04 -17.85
CA ASP D 234 -3.02 15.08 -17.27
C ASP D 234 -4.42 15.69 -17.15
N LYS D 235 -5.46 14.89 -17.36
CA LYS D 235 -6.82 15.41 -17.19
C LYS D 235 -6.90 15.72 -15.69
N LYS D 236 -7.75 16.67 -15.34
CA LYS D 236 -7.94 17.11 -13.97
C LYS D 236 -6.83 18.05 -13.50
N ASN D 237 -5.96 18.44 -14.43
CA ASN D 237 -4.93 19.43 -14.15
C ASN D 237 -4.85 20.41 -15.34
N GLU D 238 -6.02 20.93 -15.75
CA GLU D 238 -6.09 21.88 -16.85
C GLU D 238 -5.66 23.23 -16.33
N PRO D 239 -5.08 24.06 -17.20
CA PRO D 239 -4.64 25.37 -16.76
C PRO D 239 -5.70 25.98 -15.87
N ASN D 240 -5.27 26.66 -14.82
CA ASN D 240 -6.21 27.28 -13.90
C ASN D 240 -6.54 28.71 -14.32
N PRO D 241 -7.82 28.97 -14.65
CA PRO D 241 -8.35 30.27 -15.10
C PRO D 241 -8.12 31.42 -14.13
N GLN D 242 -8.02 31.14 -12.84
CA GLN D 242 -7.80 32.22 -11.87
C GLN D 242 -6.33 32.44 -11.49
N ARG D 243 -5.42 31.61 -12.00
CA ARG D 243 -4.02 31.72 -11.60
C ARG D 243 -3.44 33.14 -11.61
N PHE D 244 -3.57 33.82 -12.74
CA PHE D 244 -3.03 35.19 -12.87
C PHE D 244 -3.59 36.19 -11.89
N ASP D 245 -4.87 36.09 -11.55
CA ASP D 245 -5.44 37.03 -10.58
C ASP D 245 -4.88 36.76 -9.19
N ARG D 246 -4.80 35.48 -8.85
CA ARG D 246 -4.29 35.06 -7.55
C ARG D 246 -2.81 35.41 -7.36
N ILE D 247 -1.99 35.29 -8.41
CA ILE D 247 -0.58 35.61 -8.23
C ILE D 247 -0.39 37.09 -7.95
N ALA D 248 -1.36 37.90 -8.37
CA ALA D 248 -1.29 39.34 -8.13
C ALA D 248 -1.58 39.72 -6.70
N HIS D 249 -2.20 38.85 -5.93
CA HIS D 249 -2.51 39.18 -4.54
C HIS D 249 -1.74 38.41 -3.48
N THR D 250 -0.73 37.66 -3.90
CA THR D 250 0.07 36.86 -2.97
C THR D 250 0.35 37.58 -1.65
N LYS D 251 0.90 38.79 -1.74
CA LYS D 251 1.25 39.59 -0.56
C LYS D 251 0.25 39.40 0.57
N GLU D 252 -1.02 39.56 0.21
CA GLU D 252 -2.08 39.44 1.17
C GLU D 252 -2.39 38.00 1.54
N THR D 253 -2.89 37.26 0.54
CA THR D 253 -3.29 35.87 0.72
C THR D 253 -2.32 34.90 1.38
N MET D 254 -1.01 35.09 1.23
CA MET D 254 -0.07 34.15 1.83
C MET D 254 -0.21 34.08 3.35
N LEU D 255 -0.78 35.13 3.93
CA LEU D 255 -0.98 35.19 5.38
C LEU D 255 -2.16 34.32 5.80
N SER D 256 -3.14 34.16 4.92
CA SER D 256 -4.32 33.38 5.26
C SER D 256 -4.40 32.03 4.56
N ASP D 257 -3.47 31.77 3.64
CA ASP D 257 -3.47 30.50 2.93
C ASP D 257 -2.09 29.89 2.90
N GLY D 258 -1.92 28.82 3.67
CA GLY D 258 -0.63 28.16 3.73
C GLY D 258 -0.62 27.09 4.80
N LEU D 259 0.53 26.90 5.45
CA LEU D 259 0.67 25.91 6.51
C LEU D 259 -0.40 26.09 7.57
N ASN D 260 -0.62 27.34 7.98
CA ASN D 260 -1.61 27.62 8.98
C ASN D 260 -3.05 27.30 8.58
N SER D 261 -3.35 27.15 7.29
CA SER D 261 -4.72 26.85 6.90
C SER D 261 -4.88 25.46 6.24
N LEU D 262 -3.84 24.66 6.36
CA LEU D 262 -3.83 23.33 5.77
C LEU D 262 -4.72 22.30 6.44
N THR D 263 -5.58 21.69 5.65
CA THR D 263 -6.48 20.64 6.14
C THR D 263 -6.33 19.47 5.18
N TYR D 264 -6.32 18.25 5.71
CA TYR D 264 -6.18 17.06 4.87
C TYR D 264 -6.29 15.78 5.70
N MET D 265 -6.58 14.67 5.02
CA MET D 265 -6.72 13.37 5.67
C MET D 265 -5.84 12.31 5.05
N VAL D 266 -5.13 11.58 5.91
CA VAL D 266 -4.26 10.52 5.45
C VAL D 266 -5.10 9.23 5.34
N LEU D 267 -5.19 8.68 4.13
CA LEU D 267 -5.96 7.48 3.89
C LEU D 267 -5.08 6.23 3.91
N GLU D 268 -3.78 6.43 3.73
CA GLU D 268 -2.88 5.31 3.71
C GLU D 268 -1.43 5.71 3.72
N VAL D 269 -0.62 4.99 4.49
CA VAL D 269 0.80 5.27 4.51
C VAL D 269 1.47 4.00 4.06
N GLN D 270 2.09 4.05 2.89
CA GLN D 270 2.78 2.89 2.36
C GLN D 270 4.28 3.09 2.41
N ARG D 271 5.00 2.08 2.90
CA ARG D 271 6.44 2.16 2.93
C ARG D 271 6.90 1.12 1.92
N TYR D 272 7.76 1.51 0.99
CA TYR D 272 8.29 0.54 0.02
C TYR D 272 9.78 0.59 0.22
N PRO D 273 10.51 -0.33 -0.40
CA PRO D 273 11.94 -0.20 -0.14
C PRO D 273 12.59 1.08 -0.63
N LEU D 274 12.03 1.67 -1.68
CA LEU D 274 12.67 2.85 -2.24
C LEU D 274 12.02 4.18 -1.92
N TYR D 275 10.82 4.15 -1.34
CA TYR D 275 10.19 5.43 -1.04
C TYR D 275 8.96 5.27 -0.17
N THR D 276 8.49 6.37 0.39
CA THR D 276 7.30 6.31 1.19
C THR D 276 6.22 6.99 0.35
N LYS D 277 5.07 6.35 0.21
CA LYS D 277 3.97 6.92 -0.57
C LYS D 277 2.79 7.19 0.37
N ILE D 278 2.45 8.46 0.57
CA ILE D 278 1.34 8.79 1.45
C ILE D 278 0.15 9.26 0.63
N THR D 279 -0.97 8.54 0.73
CA THR D 279 -2.15 8.89 -0.04
C THR D 279 -3.10 9.77 0.76
N VAL D 280 -3.31 10.99 0.29
CA VAL D 280 -4.16 11.93 1.00
C VAL D 280 -5.39 12.43 0.28
N ASP D 281 -6.39 12.79 1.07
CA ASP D 281 -7.64 13.37 0.57
C ASP D 281 -7.39 14.81 0.99
N ILE D 282 -7.05 15.64 0.02
CA ILE D 282 -6.76 17.03 0.28
C ILE D 282 -7.94 17.91 -0.07
N GLY D 283 -9.05 17.28 -0.40
CA GLY D 283 -10.23 18.07 -0.70
C GLY D 283 -10.63 18.34 -2.14
N THR D 284 -11.41 19.40 -2.28
CA THR D 284 -11.95 19.80 -3.56
C THR D 284 -11.94 21.33 -3.73
N PRO D 285 -12.02 21.81 -4.98
CA PRO D 285 -12.03 23.24 -5.34
C PRO D 285 -13.26 23.96 -4.80
N SER D 286 -13.20 25.28 -4.80
CA SER D 286 -14.29 26.12 -4.31
C SER D 286 -13.87 27.59 -4.31
CA CA E . -19.40 -46.01 -1.89
O1 PG4 F . -15.19 -30.20 7.93
C1 PG4 F . -14.15 -30.75 8.72
C2 PG4 F . -12.81 -30.05 8.46
O2 PG4 F . -11.81 -30.58 9.32
C3 PG4 F . -10.55 -30.78 8.69
C4 PG4 F . -10.17 -32.28 8.71
O3 PG4 F . -9.15 -32.54 7.75
C5 PG4 F . -9.43 -33.67 6.93
C6 PG4 F . -8.71 -33.52 5.58
O4 PG4 F . -9.67 -33.09 4.64
C7 PG4 F . -9.30 -33.28 3.29
C8 PG4 F . -10.45 -32.81 2.40
O5 PG4 F . -11.67 -33.24 2.94
O1 MES G . -8.26 -43.54 25.97
C2 MES G . -6.84 -43.27 25.98
C3 MES G . -6.45 -42.57 27.31
N4 MES G . -7.17 -41.22 27.36
C5 MES G . -8.68 -41.49 27.33
C6 MES G . -9.06 -42.30 26.09
C7 MES G . -6.85 -40.40 28.60
C8 MES G . -6.97 -38.92 28.24
S MES G . -6.63 -37.80 29.59
O1S MES G . -7.58 -38.09 30.70
O2S MES G . -6.81 -36.44 29.04
O3S MES G . -5.23 -38.08 30.00
MN MN H . -11.09 -21.06 7.43
N1 UPG I . -5.29 -18.07 4.43
C2 UPG I . -5.32 -16.95 3.58
N3 UPG I . -5.32 -17.23 2.24
C4 UPG I . -5.28 -18.50 1.64
C5 UPG I . -5.25 -19.58 2.57
C6 UPG I . -5.25 -19.36 3.87
O2 UPG I . -5.36 -15.83 4.07
O4 UPG I . -5.28 -18.60 0.43
C1C UPG I . -5.28 -17.79 5.92
C2C UPG I . -6.53 -17.28 6.58
O2C UPG I . -6.29 -16.46 7.73
C3C UPG I . -7.17 -18.57 6.90
C4C UPG I . -6.02 -19.42 7.45
O4C UPG I . -4.99 -19.04 6.51
O3C UPG I . -8.23 -18.45 7.81
C5C UPG I . -6.40 -20.86 7.40
O5C UPG I . -6.88 -21.32 6.11
PA UPG I . -8.32 -21.93 5.92
O1A UPG I . -9.30 -20.87 6.20
O2A UPG I . -8.57 -22.73 4.70
O3A UPG I . -8.25 -22.95 7.22
PB UPG I . -9.31 -23.84 7.90
O1B UPG I . -9.12 -25.21 7.17
O2B UPG I . -10.62 -23.28 7.50
O3B UPG I . -9.24 -23.49 9.37
C1' UPG I . -8.80 -24.32 10.47
C2' UPG I . -7.99 -23.40 11.50
C3' UPG I . -6.65 -23.05 10.85
C4' UPG I . -6.02 -24.41 10.71
C5' UPG I . -6.63 -25.32 9.68
C6' UPG I . -6.33 -26.78 9.88
O2' UPG I . -8.65 -22.18 11.80
O3' UPG I . -5.82 -22.36 11.79
O4' UPG I . -4.69 -24.66 10.94
O5' UPG I . -8.02 -25.55 10.18
O6' UPG I . -6.52 -27.29 11.20
N1 UDP J . -9.78 0.66 3.32
C2 UDP J . -10.40 1.74 4.00
N3 UDP J . -10.07 1.84 5.35
C4 UDP J . -9.19 1.00 6.07
C5 UDP J . -8.61 -0.06 5.30
C6 UDP J . -8.89 -0.20 4.01
O2 UDP J . -11.17 2.47 3.40
O4 UDP J . -8.97 1.19 7.25
C1' UDP J . -10.11 0.49 1.85
C2' UDP J . -9.48 1.38 0.81
O2' UDP J . -10.37 1.71 -0.30
C3' UDP J . -8.28 0.54 0.41
C4' UDP J . -8.81 -0.87 0.39
O4' UDP J . -9.70 -0.84 1.54
O3' UDP J . -7.73 0.88 -0.87
C5' UDP J . -7.72 -1.90 0.49
O5' UDP J . -7.63 -2.98 -0.47
PA UDP J . -6.47 -4.10 -0.41
O1A UDP J . -6.87 -5.25 -1.26
O2A UDP J . -5.96 -4.47 0.94
O3A UDP J . -5.30 -3.17 -1.15
PB UDP J . -3.97 -3.62 -1.85
O1B UDP J . -3.41 -2.18 -2.29
O2B UDP J . -3.12 -4.19 -0.75
O3B UDP J . -4.23 -4.79 -2.76
CA CA K . -3.81 32.70 -37.88
O1 PG4 L . -1.97 24.49 -22.98
C1 PG4 L . -1.59 25.73 -23.54
C2 PG4 L . -0.15 26.09 -23.21
O2 PG4 L . -0.02 26.49 -21.84
C3 PG4 L . -0.38 27.85 -21.62
C4 PG4 L . 0.53 28.46 -20.56
O3 PG4 L . 1.91 28.33 -20.93
C5 PG4 L . 2.79 28.99 -20.03
C6 PG4 L . 4.23 28.84 -20.51
O4 PG4 L . 4.68 27.52 -20.20
C7 PG4 L . 5.84 27.13 -20.90
C8 PG4 L . 5.50 25.98 -21.86
O5 PG4 L . 6.27 26.11 -23.04
MN MN M . 6.08 17.93 -16.11
N1 UPG N . 1.35 15.76 -11.10
C2 UPG N . 1.00 14.42 -10.91
N3 UPG N . -0.19 14.02 -11.51
C4 UPG N . -1.04 14.83 -12.26
C5 UPG N . -0.61 16.18 -12.41
C6 UPG N . 0.51 16.60 -11.85
O2 UPG N . 1.73 13.71 -10.25
O4 UPG N . -2.06 14.36 -12.75
C1C UPG N . 2.64 16.24 -10.44
C2C UPG N . 3.95 15.71 -10.91
O2C UPG N . 4.96 15.66 -9.87
C3C UPG N . 4.24 16.70 -11.98
C4C UPG N . 3.91 18.03 -11.32
O4C UPG N . 2.66 17.63 -10.70
O3C UPG N . 5.59 16.65 -12.45
C5C UPG N . 3.78 19.08 -12.35
O5C UPG N . 2.79 18.82 -13.37
PA UPG N . 3.12 18.81 -14.90
O1A UPG N . 4.24 17.86 -15.11
O2A UPG N . 1.97 18.63 -15.81
O3A UPG N . 3.70 20.38 -14.97
PB UPG N . 4.72 21.10 -15.91
O1B UPG N . 3.80 21.75 -17.03
O2B UPG N . 5.46 19.99 -16.57
O3B UPG N . 5.78 21.73 -15.05
C1' UPG N . 5.92 23.12 -14.61
C2' UPG N . 6.84 23.05 -13.26
C3' UPG N . 5.95 22.65 -12.06
C4' UPG N . 4.92 23.71 -12.14
C5' UPG N . 3.92 23.40 -13.20
C6' UPG N . 2.63 24.20 -13.25
O2' UPG N . 7.89 22.05 -13.30
O3' UPG N . 6.63 22.85 -10.81
O4' UPG N . 4.47 24.48 -11.12
O5' UPG N . 4.65 23.93 -14.40
O6' UPG N . 1.71 23.97 -12.17
N1 UDP O . 7.85 -1.74 -6.16
C2 UDP O . 9.08 -2.40 -5.93
N3 UDP O . 9.97 -1.70 -5.10
C4 UDP O . 9.76 -0.44 -4.50
C5 UDP O . 8.47 0.15 -4.79
C6 UDP O . 7.59 -0.48 -5.56
O2 UDP O . 9.28 -3.48 -6.45
O4 UDP O . 10.62 0.07 -3.80
C1' UDP O . 6.87 -2.47 -7.05
C2' UDP O . 5.86 -3.43 -6.47
O2' UDP O . 5.67 -4.64 -7.26
C3' UDP O . 4.63 -2.51 -6.39
C4' UDP O . 4.72 -1.69 -7.67
O4' UDP O . 6.16 -1.45 -7.74
O3' UDP O . 3.39 -3.20 -6.34
C5' UDP O . 3.86 -0.41 -7.63
O5' UDP O . 2.61 -0.46 -6.90
PA UDP O . 1.56 0.74 -6.74
O1A UDP O . 1.89 1.58 -5.56
O2A UDP O . 1.22 1.51 -7.98
O3A UDP O . 0.28 -0.30 -6.45
PB UDP O . -1.17 -0.02 -5.89
O1B UDP O . -1.73 -1.53 -5.93
O2B UDP O . -0.94 0.45 -4.48
O3B UDP O . -1.78 1.15 -6.59
#